data_6XSS
#
_entry.id   6XSS
#
_cell.length_a   1.00
_cell.length_b   1.00
_cell.length_c   1.00
_cell.angle_alpha   90.00
_cell.angle_beta   90.00
_cell.angle_gamma   90.00
#
_symmetry.space_group_name_H-M   'P 1'
#
_entity_poly.entity_id   1
_entity_poly.type   'polypeptide(L)'
_entity_poly.pdbx_seq_one_letter_code
;ASSWVMLGLLLSLLNRLSLAAEAYKKAIELDPNDALAWLLLGSVLLLLGREEEAEEAARKAIELKPEMDSARRLEGIIEL
IRRAREAAERAQEAAERTGDPRVRELARELKRLAQEAAEEVRRDPDSKDVNEALKLIVEAIEAAVRALEAAERTGDPEVR
ELARELVRLAVEAAEEVQRNPSSSDVNEALKLIVEAIDAAVRALEAAEKTGDPEVRELARELVRLAVEAAEEVQRNPSSE
EVNEALKDIVKAIQEAVESL
;
_entity_poly.pdbx_strand_id   A,B,C,D
#
# COMPACT_ATOMS: atom_id res chain seq x y z
N ALA A 1 -3.36 2.33 34.89
CA ALA A 1 -2.34 1.35 34.55
C ALA A 1 -2.34 1.05 33.06
N SER A 2 -3.45 0.48 32.57
CA SER A 2 -3.56 0.14 31.16
C SER A 2 -3.69 1.37 30.27
N SER A 3 -3.97 2.55 30.85
CA SER A 3 -4.09 3.76 30.05
C SER A 3 -2.79 4.08 29.35
N TRP A 4 -1.67 4.01 30.07
CA TRP A 4 -0.39 4.28 29.45
C TRP A 4 0.01 3.17 28.48
N VAL A 5 -0.47 1.95 28.70
CA VAL A 5 -0.25 0.89 27.72
C VAL A 5 -0.95 1.22 26.41
N MET A 6 -2.20 1.70 26.50
CA MET A 6 -2.91 2.16 25.32
C MET A 6 -2.18 3.31 24.66
N LEU A 7 -1.66 4.23 25.46
CA LEU A 7 -0.93 5.38 24.91
C LEU A 7 0.31 4.92 24.15
N GLY A 8 1.05 3.96 24.72
CA GLY A 8 2.22 3.44 24.02
C GLY A 8 1.87 2.71 22.75
N LEU A 9 0.79 1.93 22.78
CA LEU A 9 0.33 1.25 21.56
C LEU A 9 -0.03 2.27 20.49
N LEU A 10 -0.74 3.34 20.88
CA LEU A 10 -1.12 4.38 19.93
C LEU A 10 0.11 5.05 19.34
N LEU A 11 1.08 5.40 20.19
CA LEU A 11 2.30 6.01 19.70
C LEU A 11 3.04 5.08 18.76
N SER A 12 3.04 3.78 19.04
CA SER A 12 3.68 2.82 18.15
C SER A 12 2.94 2.72 16.83
N LEU A 13 1.64 2.97 16.82
CA LEU A 13 0.90 2.99 15.56
C LEU A 13 1.30 4.16 14.67
N LEU A 14 1.81 5.23 15.28
CA LEU A 14 2.18 6.45 14.56
C LEU A 14 3.65 6.48 14.17
N ASN A 15 4.31 5.35 14.39
CA ASN A 15 5.75 5.11 14.11
C ASN A 15 6.66 5.83 15.09
N ARG A 16 6.07 6.33 16.17
CA ARG A 16 6.83 6.97 17.23
C ARG A 16 7.23 5.88 18.22
N LEU A 17 8.19 5.05 17.82
CA LEU A 17 8.64 3.94 18.63
C LEU A 17 9.28 4.39 19.93
N SER A 18 10.03 5.48 19.89
CA SER A 18 10.73 5.93 21.08
C SER A 18 9.75 6.38 22.16
N LEU A 19 8.80 7.25 21.80
CA LEU A 19 7.77 7.65 22.75
C LEU A 19 6.93 6.46 23.17
N ALA A 20 6.72 5.50 22.29
CA ALA A 20 5.99 4.29 22.65
C ALA A 20 6.73 3.54 23.75
N ALA A 21 8.04 3.36 23.59
CA ALA A 21 8.81 2.67 24.61
C ALA A 21 8.83 3.45 25.92
N GLU A 22 8.88 4.78 25.83
CA GLU A 22 8.84 5.59 27.04
C GLU A 22 7.50 5.44 27.77
N ALA A 23 6.40 5.43 27.02
CA ALA A 23 5.10 5.23 27.64
C ALA A 23 4.96 3.84 28.23
N TYR A 24 5.57 2.84 27.58
CA TYR A 24 5.56 1.49 28.14
C TYR A 24 6.33 1.45 29.45
N LYS A 25 7.50 2.11 29.49
CA LYS A 25 8.27 2.17 30.73
C LYS A 25 7.48 2.86 31.83
N LYS A 26 6.76 3.93 31.48
CA LYS A 26 5.95 4.63 32.48
C LYS A 26 4.79 3.74 32.97
N ALA A 27 4.19 2.99 32.06
CA ALA A 27 3.12 2.07 32.46
C ALA A 27 3.65 1.00 33.40
N ILE A 28 4.84 0.48 33.12
CA ILE A 28 5.45 -0.50 34.02
C ILE A 28 5.77 0.15 35.36
N GLU A 29 6.19 1.42 35.35
CA GLU A 29 6.42 2.13 36.59
C GLU A 29 5.14 2.25 37.40
N LEU A 30 4.00 2.46 36.73
CA LEU A 30 2.73 2.53 37.44
C LEU A 30 2.37 1.20 38.07
N ASP A 31 2.61 0.11 37.36
CA ASP A 31 2.31 -1.24 37.87
C ASP A 31 3.24 -2.23 37.20
N PRO A 32 4.32 -2.64 37.87
CA PRO A 32 5.27 -3.59 37.27
C PRO A 32 4.73 -5.01 37.14
N ASN A 33 3.51 -5.27 37.60
CA ASN A 33 2.91 -6.60 37.51
C ASN A 33 2.15 -6.82 36.21
N ASP A 34 2.43 -6.01 35.19
CA ASP A 34 1.76 -6.12 33.90
C ASP A 34 2.70 -6.85 32.94
N ALA A 35 2.40 -8.13 32.68
CA ALA A 35 3.21 -8.89 31.74
C ALA A 35 3.04 -8.36 30.32
N LEU A 36 1.84 -7.91 29.97
CA LEU A 36 1.61 -7.36 28.64
C LEU A 36 2.43 -6.10 28.42
N ALA A 37 2.60 -5.29 29.47
CA ALA A 37 3.38 -4.07 29.35
C ALA A 37 4.84 -4.39 29.03
N TRP A 38 5.45 -5.29 29.81
CA TRP A 38 6.83 -5.71 29.54
C TRP A 38 6.94 -6.33 28.15
N LEU A 39 5.95 -7.13 27.77
CA LEU A 39 5.94 -7.77 26.47
C LEU A 39 6.00 -6.76 25.35
N LEU A 40 5.08 -5.78 25.37
CA LEU A 40 5.04 -4.76 24.34
C LEU A 40 6.29 -3.90 24.37
N LEU A 41 6.81 -3.60 25.57
CA LEU A 41 8.02 -2.79 25.67
C LEU A 41 9.20 -3.50 25.00
N GLY A 42 9.37 -4.78 25.27
CA GLY A 42 10.42 -5.53 24.59
C GLY A 42 10.20 -5.57 23.09
N SER A 43 8.95 -5.79 22.66
CA SER A 43 8.66 -5.86 21.24
C SER A 43 9.04 -4.56 20.54
N VAL A 44 8.72 -3.42 21.15
CA VAL A 44 8.99 -2.15 20.50
C VAL A 44 10.47 -1.80 20.61
N LEU A 45 11.12 -2.16 21.72
CA LEU A 45 12.53 -1.87 21.88
C LEU A 45 13.37 -2.69 20.90
N LEU A 46 12.87 -3.86 20.49
CA LEU A 46 13.57 -4.63 19.47
C LEU A 46 13.73 -3.82 18.19
N LEU A 47 12.74 -2.99 17.88
CA LEU A 47 12.77 -2.19 16.66
C LEU A 47 13.74 -1.01 16.73
N LEU A 48 14.08 -0.58 17.94
CA LEU A 48 14.97 0.56 18.11
C LEU A 48 16.45 0.21 17.90
N GLY A 49 16.84 -0.98 18.34
CA GLY A 49 18.22 -1.42 18.19
C GLY A 49 18.81 -1.78 19.55
N ARG A 50 18.04 -1.55 20.61
CA ARG A 50 18.47 -1.85 21.97
C ARG A 50 18.08 -3.28 22.34
N GLU A 51 18.68 -4.24 21.65
CA GLU A 51 18.40 -5.66 21.85
C GLU A 51 18.56 -6.07 23.31
N GLU A 52 19.45 -5.41 24.05
CA GLU A 52 19.66 -5.78 25.45
C GLU A 52 18.45 -5.45 26.30
N GLU A 53 17.91 -4.23 26.14
CA GLU A 53 16.72 -3.85 26.89
C GLU A 53 15.54 -4.70 26.50
N ALA A 54 15.43 -5.05 25.21
CA ALA A 54 14.34 -5.91 24.77
C ALA A 54 14.48 -7.31 25.37
N GLU A 55 15.70 -7.82 25.45
CA GLU A 55 15.91 -9.13 26.06
C GLU A 55 15.59 -9.10 27.55
N GLU A 56 15.95 -8.01 28.23
CA GLU A 56 15.61 -7.87 29.65
C GLU A 56 14.09 -7.80 29.84
N ALA A 57 13.40 -7.07 28.96
CA ALA A 57 11.95 -7.01 29.05
C ALA A 57 11.32 -8.37 28.79
N ALA A 58 11.86 -9.13 27.83
CA ALA A 58 11.38 -10.48 27.58
C ALA A 58 11.57 -11.37 28.80
N ARG A 59 12.74 -11.28 29.41
CA ARG A 59 13.00 -12.07 30.62
C ARG A 59 12.03 -11.69 31.74
N LYS A 60 11.77 -10.40 31.90
CA LYS A 60 10.83 -9.96 32.92
C LYS A 60 9.43 -10.49 32.65
N ALA A 61 8.99 -10.42 31.38
CA ALA A 61 7.66 -10.92 31.04
C ALA A 61 7.56 -12.42 31.26
N ILE A 62 8.60 -13.17 30.92
CA ILE A 62 8.58 -14.62 31.10
C ILE A 62 8.56 -14.97 32.58
N GLU A 63 9.38 -14.29 33.39
CA GLU A 63 9.42 -14.56 34.81
C GLU A 63 8.12 -14.15 35.50
N LEU A 64 7.43 -13.13 34.97
CA LEU A 64 6.16 -12.72 35.57
C LEU A 64 5.05 -13.69 35.20
N LYS A 65 4.99 -14.10 33.93
CA LYS A 65 4.00 -15.07 33.48
C LYS A 65 4.65 -16.05 32.51
N PRO A 66 4.90 -17.29 32.94
CA PRO A 66 5.59 -18.25 32.06
C PRO A 66 4.68 -18.79 30.97
N GLU A 67 3.37 -18.80 31.21
CA GLU A 67 2.43 -19.34 30.23
C GLU A 67 2.35 -18.50 28.96
N MET A 68 2.80 -17.25 29.01
CA MET A 68 2.75 -16.37 27.84
C MET A 68 3.76 -16.84 26.82
N ASP A 69 3.28 -17.54 25.78
CA ASP A 69 4.16 -18.01 24.72
C ASP A 69 4.65 -16.90 23.81
N SER A 70 3.87 -15.83 23.66
CA SER A 70 4.29 -14.71 22.82
C SER A 70 5.57 -14.06 23.38
N ALA A 71 5.69 -14.02 24.70
CA ALA A 71 6.94 -13.57 25.30
C ALA A 71 8.09 -14.48 24.91
N ARG A 72 7.87 -15.79 25.00
CA ARG A 72 8.88 -16.76 24.54
C ARG A 72 9.14 -16.59 23.05
N ARG A 73 8.13 -16.17 22.30
CA ARG A 73 8.29 -15.98 20.87
C ARG A 73 9.32 -14.90 20.56
N LEU A 74 9.17 -13.71 21.13
CA LEU A 74 10.15 -12.67 20.85
C LEU A 74 11.46 -12.92 21.61
N GLU A 75 11.41 -13.70 22.68
CA GLU A 75 12.66 -14.18 23.28
C GLU A 75 13.47 -14.98 22.26
N GLY A 76 12.85 -15.98 21.64
CA GLY A 76 13.52 -16.72 20.59
C GLY A 76 13.87 -15.85 19.40
N ILE A 77 13.06 -14.82 19.14
CA ILE A 77 13.35 -13.90 18.05
C ILE A 77 14.64 -13.13 18.32
N ILE A 78 14.81 -12.64 19.55
CA ILE A 78 16.03 -11.94 19.91
C ILE A 78 17.23 -12.89 19.88
N GLU A 79 17.04 -14.11 20.39
CA GLU A 79 18.10 -15.12 20.30
C GLU A 79 18.49 -15.36 18.85
N LEU A 80 17.50 -15.43 17.96
CA LEU A 80 17.77 -15.69 16.55
C LEU A 80 18.47 -14.51 15.90
N ILE A 81 18.11 -13.29 16.29
CA ILE A 81 18.74 -12.11 15.74
C ILE A 81 20.20 -12.05 16.18
N ARG A 82 20.47 -12.36 17.44
CA ARG A 82 21.84 -12.39 17.92
C ARG A 82 22.64 -13.49 17.23
N ARG A 83 21.99 -14.63 17.02
CA ARG A 83 22.63 -15.75 16.34
C ARG A 83 22.96 -15.38 14.89
N ALA A 84 22.05 -14.67 14.24
CA ALA A 84 22.26 -14.25 12.86
C ALA A 84 23.36 -13.21 12.76
N ARG A 85 23.42 -12.28 13.72
CA ARG A 85 24.51 -11.31 13.72
C ARG A 85 25.85 -11.99 13.96
N GLU A 86 25.87 -13.00 14.83
CA GLU A 86 27.11 -13.74 15.07
C GLU A 86 27.54 -14.48 13.81
N ALA A 87 26.60 -15.14 13.13
CA ALA A 87 26.93 -15.81 11.88
C ALA A 87 27.38 -14.81 10.82
N ALA A 88 26.79 -13.61 10.83
CA ALA A 88 27.16 -12.59 9.86
C ALA A 88 28.59 -12.11 10.09
N GLU A 89 28.95 -11.82 11.34
CA GLU A 89 30.32 -11.40 11.61
C GLU A 89 31.31 -12.53 11.38
N ARG A 90 30.91 -13.78 11.63
CA ARG A 90 31.80 -14.90 11.34
C ARG A 90 32.03 -15.04 9.83
N ALA A 91 30.96 -14.88 9.04
CA ALA A 91 31.11 -14.91 7.58
C ALA A 91 31.99 -13.76 7.10
N GLN A 92 31.82 -12.58 7.69
CA GLN A 92 32.67 -11.45 7.32
C GLN A 92 34.13 -11.72 7.64
N GLU A 93 34.39 -12.30 8.83
CA GLU A 93 35.76 -12.63 9.20
C GLU A 93 36.36 -13.68 8.27
N ALA A 94 35.57 -14.70 7.91
CA ALA A 94 36.08 -15.73 7.00
C ALA A 94 36.34 -15.16 5.61
N ALA A 95 35.45 -14.30 5.12
CA ALA A 95 35.65 -13.70 3.81
C ALA A 95 36.86 -12.78 3.80
N GLU A 96 37.10 -12.07 4.91
CA GLU A 96 38.28 -11.22 4.98
C GLU A 96 39.55 -12.05 5.06
N ARG A 97 39.52 -13.16 5.79
CA ARG A 97 40.68 -14.05 5.86
C ARG A 97 40.98 -14.66 4.50
N THR A 98 39.94 -15.00 3.73
CA THR A 98 40.17 -15.53 2.39
C THR A 98 40.62 -14.45 1.42
N GLY A 99 40.18 -13.21 1.62
CA GLY A 99 40.58 -12.10 0.79
C GLY A 99 39.88 -12.00 -0.55
N ASP A 100 39.03 -12.96 -0.89
CA ASP A 100 38.37 -12.95 -2.20
C ASP A 100 37.27 -11.90 -2.23
N PRO A 101 37.32 -10.95 -3.16
CA PRO A 101 36.23 -9.96 -3.25
C PRO A 101 34.89 -10.59 -3.56
N ARG A 102 34.87 -11.70 -4.30
CA ARG A 102 33.62 -12.40 -4.55
C ARG A 102 32.97 -12.85 -3.26
N VAL A 103 33.69 -13.63 -2.45
CA VAL A 103 33.12 -14.12 -1.21
C VAL A 103 32.86 -12.96 -0.25
N ARG A 104 33.63 -11.89 -0.34
CA ARG A 104 33.39 -10.73 0.52
C ARG A 104 32.05 -10.07 0.20
N GLU A 105 31.80 -9.80 -1.09
CA GLU A 105 30.53 -9.18 -1.47
C GLU A 105 29.36 -10.13 -1.26
N LEU A 106 29.59 -11.45 -1.40
CA LEU A 106 28.53 -12.40 -1.10
C LEU A 106 28.18 -12.39 0.39
N ALA A 107 29.19 -12.34 1.26
CA ALA A 107 28.93 -12.24 2.69
C ALA A 107 28.24 -10.92 3.02
N ARG A 108 28.60 -9.84 2.31
CA ARG A 108 27.96 -8.56 2.55
C ARG A 108 26.47 -8.60 2.18
N GLU A 109 26.16 -9.17 1.00
CA GLU A 109 24.77 -9.31 0.60
C GLU A 109 24.01 -10.24 1.54
N LEU A 110 24.68 -11.27 2.05
CA LEU A 110 24.06 -12.17 3.02
C LEU A 110 23.72 -11.44 4.31
N LYS A 111 24.65 -10.61 4.80
CA LYS A 111 24.38 -9.79 5.97
C LYS A 111 23.22 -8.84 5.73
N ARG A 112 23.18 -8.23 4.55
CA ARG A 112 22.08 -7.32 4.23
C ARG A 112 20.75 -8.03 4.23
N LEU A 113 20.69 -9.23 3.64
CA LEU A 113 19.45 -9.99 3.60
C LEU A 113 19.04 -10.44 4.99
N ALA A 114 20.00 -10.85 5.81
CA ALA A 114 19.69 -11.23 7.19
C ALA A 114 19.12 -10.04 7.95
N GLN A 115 19.70 -8.85 7.78
CA GLN A 115 19.19 -7.67 8.46
C GLN A 115 17.80 -7.31 7.95
N GLU A 116 17.54 -7.48 6.65
CA GLU A 116 16.22 -7.20 6.11
C GLU A 116 15.18 -8.14 6.70
N ALA A 117 15.49 -9.44 6.76
CA ALA A 117 14.56 -10.39 7.36
C ALA A 117 14.38 -10.12 8.85
N ALA A 118 15.43 -9.67 9.53
CA ALA A 118 15.32 -9.32 10.94
C ALA A 118 14.39 -8.15 11.14
N GLU A 119 14.52 -7.12 10.30
CA GLU A 119 13.60 -5.98 10.37
C GLU A 119 12.17 -6.42 10.09
N GLU A 120 12.00 -7.34 9.14
CA GLU A 120 10.65 -7.83 8.82
C GLU A 120 10.03 -8.55 10.02
N VAL A 121 10.79 -9.44 10.66
CA VAL A 121 10.24 -10.16 11.79
C VAL A 121 10.04 -9.23 12.98
N ARG A 122 10.85 -8.17 13.10
CA ARG A 122 10.62 -7.17 14.12
C ARG A 122 9.30 -6.45 13.89
N ARG A 123 9.01 -6.11 12.63
CA ARG A 123 7.74 -5.46 12.31
C ARG A 123 6.56 -6.40 12.55
N ASP A 124 6.70 -7.69 12.25
CA ASP A 124 5.64 -8.67 12.44
C ASP A 124 6.19 -9.82 13.28
N PRO A 125 6.18 -9.66 14.61
CA PRO A 125 6.75 -10.71 15.47
C PRO A 125 5.89 -11.95 15.58
N ASP A 126 4.58 -11.77 15.72
CA ASP A 126 3.69 -12.90 16.00
C ASP A 126 3.50 -13.84 14.82
N SER A 127 3.93 -13.46 13.62
CA SER A 127 3.68 -14.27 12.43
C SER A 127 4.67 -15.44 12.38
N LYS A 128 4.16 -16.63 12.71
CA LYS A 128 4.98 -17.84 12.63
C LYS A 128 5.53 -18.04 11.23
N ASP A 129 4.86 -17.50 10.22
CA ASP A 129 5.36 -17.59 8.85
C ASP A 129 6.77 -17.02 8.74
N VAL A 130 6.92 -15.73 8.99
CA VAL A 130 8.24 -15.10 8.87
C VAL A 130 9.15 -15.58 9.99
N ASN A 131 8.59 -15.99 11.13
CA ASN A 131 9.41 -16.59 12.17
C ASN A 131 10.17 -17.80 11.64
N GLU A 132 9.45 -18.80 11.12
CA GLU A 132 10.09 -19.99 10.58
C GLU A 132 10.91 -19.68 9.33
N ALA A 133 10.49 -18.66 8.56
CA ALA A 133 11.29 -18.25 7.41
C ALA A 133 12.68 -17.82 7.84
N LEU A 134 12.76 -16.93 8.83
CA LEU A 134 14.05 -16.50 9.34
C LEU A 134 14.78 -17.62 10.06
N LYS A 135 14.05 -18.61 10.60
CA LYS A 135 14.70 -19.80 11.15
C LYS A 135 15.46 -20.55 10.06
N LEU A 136 14.80 -20.82 8.94
CA LEU A 136 15.49 -21.44 7.82
C LEU A 136 16.64 -20.57 7.34
N ILE A 137 16.44 -19.25 7.35
CA ILE A 137 17.50 -18.33 6.90
C ILE A 137 18.70 -18.40 7.82
N VAL A 138 18.47 -18.54 9.13
CA VAL A 138 19.60 -18.53 10.05
C VAL A 138 20.34 -19.87 10.01
N GLU A 139 19.63 -20.99 9.83
CA GLU A 139 20.37 -22.23 9.58
C GLU A 139 21.08 -22.18 8.23
N ALA A 140 20.54 -21.41 7.28
CA ALA A 140 21.24 -21.24 6.01
C ALA A 140 22.55 -20.50 6.18
N ILE A 141 22.54 -19.40 6.92
CA ILE A 141 23.79 -18.66 7.13
C ILE A 141 24.73 -19.45 8.03
N GLU A 142 24.20 -20.28 8.92
CA GLU A 142 25.06 -21.14 9.73
C GLU A 142 25.74 -22.20 8.88
N ALA A 143 24.99 -22.85 7.99
CA ALA A 143 25.61 -23.77 7.04
C ALA A 143 26.62 -23.05 6.16
N ALA A 144 26.34 -21.79 5.84
CA ALA A 144 27.27 -21.01 5.01
C ALA A 144 28.58 -20.75 5.74
N VAL A 145 28.51 -20.35 7.02
CA VAL A 145 29.76 -20.10 7.74
C VAL A 145 30.48 -21.41 8.03
N ARG A 146 29.74 -22.51 8.19
CA ARG A 146 30.40 -23.81 8.29
C ARG A 146 31.13 -24.16 7.01
N ALA A 147 30.52 -23.89 5.86
CA ALA A 147 31.19 -24.11 4.59
C ALA A 147 32.41 -23.21 4.45
N LEU A 148 32.31 -21.97 4.94
CA LEU A 148 33.45 -21.06 4.87
C LEU A 148 34.60 -21.55 5.74
N GLU A 149 34.32 -22.01 6.95
CA GLU A 149 35.38 -22.51 7.81
C GLU A 149 35.99 -23.79 7.24
N ALA A 150 35.15 -24.63 6.61
CA ALA A 150 35.68 -25.84 5.98
C ALA A 150 36.57 -25.48 4.80
N ALA A 151 36.16 -24.50 3.99
CA ALA A 151 36.98 -24.07 2.86
C ALA A 151 38.30 -23.47 3.34
N GLU A 152 38.27 -22.71 4.43
CA GLU A 152 39.50 -22.16 4.98
C GLU A 152 40.41 -23.26 5.52
N ARG A 153 39.85 -24.28 6.15
CA ARG A 153 40.66 -25.39 6.64
C ARG A 153 41.23 -26.21 5.50
N THR A 154 40.52 -26.29 4.36
CA THR A 154 41.03 -27.03 3.22
C THR A 154 42.13 -26.24 2.49
N GLY A 155 41.79 -25.07 1.97
CA GLY A 155 42.74 -24.23 1.29
C GLY A 155 42.93 -24.49 -0.19
N ASP A 156 42.26 -25.51 -0.75
CA ASP A 156 42.41 -25.80 -2.16
C ASP A 156 41.50 -24.90 -3.01
N PRO A 157 41.97 -24.44 -4.16
CA PRO A 157 41.12 -23.58 -5.00
C PRO A 157 39.88 -24.27 -5.52
N GLU A 158 39.96 -25.59 -5.79
CA GLU A 158 38.78 -26.32 -6.25
C GLU A 158 37.67 -26.27 -5.22
N VAL A 159 37.95 -26.69 -3.99
CA VAL A 159 36.94 -26.67 -2.94
C VAL A 159 36.59 -25.23 -2.57
N ARG A 160 37.50 -24.28 -2.78
CA ARG A 160 37.16 -22.87 -2.56
C ARG A 160 36.06 -22.44 -3.53
N GLU A 161 36.21 -22.74 -4.81
CA GLU A 161 35.17 -22.42 -5.79
C GLU A 161 33.90 -23.19 -5.51
N LEU A 162 34.03 -24.44 -5.04
CA LEU A 162 32.85 -25.23 -4.68
C LEU A 162 32.07 -24.56 -3.56
N ALA A 163 32.76 -24.13 -2.50
CA ALA A 163 32.11 -23.41 -1.41
C ALA A 163 31.52 -22.10 -1.90
N ARG A 164 32.18 -21.43 -2.84
CA ARG A 164 31.63 -20.21 -3.42
C ARG A 164 30.29 -20.50 -4.09
N GLU A 165 30.21 -21.56 -4.88
CA GLU A 165 28.96 -21.91 -5.53
C GLU A 165 27.88 -22.28 -4.51
N LEU A 166 28.28 -23.02 -3.46
CA LEU A 166 27.31 -23.40 -2.44
C LEU A 166 26.74 -22.17 -1.73
N VAL A 167 27.61 -21.24 -1.33
CA VAL A 167 27.10 -20.06 -0.63
C VAL A 167 26.32 -19.17 -1.59
N ARG A 168 26.66 -19.17 -2.87
CA ARG A 168 25.88 -18.43 -3.85
C ARG A 168 24.45 -18.96 -3.93
N LEU A 169 24.30 -20.28 -4.12
CA LEU A 169 22.96 -20.83 -4.18
C LEU A 169 22.24 -20.68 -2.84
N ALA A 170 22.98 -20.73 -1.73
CA ALA A 170 22.37 -20.56 -0.42
C ALA A 170 21.77 -19.18 -0.27
N VAL A 171 22.54 -18.13 -0.59
CA VAL A 171 22.02 -16.78 -0.46
C VAL A 171 20.94 -16.51 -1.48
N GLU A 172 20.99 -17.17 -2.64
CA GLU A 172 19.92 -17.01 -3.62
C GLU A 172 18.62 -17.59 -3.10
N ALA A 173 18.66 -18.80 -2.57
CA ALA A 173 17.46 -19.39 -1.99
C ALA A 173 16.97 -18.61 -0.79
N ALA A 174 17.89 -18.04 -0.01
CA ALA A 174 17.49 -17.22 1.14
C ALA A 174 16.79 -15.94 0.69
N GLU A 175 17.31 -15.31 -0.38
CA GLU A 175 16.62 -14.15 -0.93
C GLU A 175 15.24 -14.53 -1.46
N GLU A 176 15.14 -15.71 -2.07
CA GLU A 176 13.85 -16.17 -2.58
C GLU A 176 12.83 -16.33 -1.44
N VAL A 177 13.25 -16.99 -0.35
CA VAL A 177 12.31 -17.23 0.74
C VAL A 177 12.02 -15.94 1.50
N GLN A 178 12.97 -14.99 1.49
CA GLN A 178 12.69 -13.69 2.10
C GLN A 178 11.69 -12.90 1.28
N ARG A 179 11.79 -12.97 -0.05
CA ARG A 179 10.84 -12.27 -0.90
C ARG A 179 9.46 -12.92 -0.85
N ASN A 180 9.41 -14.26 -0.73
CA ASN A 180 8.15 -15.02 -0.68
C ASN A 180 8.12 -15.81 0.61
N PRO A 181 7.70 -15.18 1.72
CA PRO A 181 7.69 -15.91 3.00
C PRO A 181 6.54 -16.90 3.12
N SER A 182 5.35 -16.55 2.65
CA SER A 182 4.15 -17.34 2.88
C SER A 182 3.89 -18.38 1.80
N SER A 183 4.95 -18.89 1.17
CA SER A 183 4.82 -19.89 0.11
C SER A 183 5.47 -21.19 0.55
N SER A 184 4.64 -22.19 0.86
CA SER A 184 5.12 -23.47 1.36
C SER A 184 6.03 -24.16 0.35
N ASP A 185 5.86 -23.89 -0.94
CA ASP A 185 6.71 -24.51 -1.94
C ASP A 185 8.17 -24.06 -1.76
N VAL A 186 8.39 -22.75 -1.64
CA VAL A 186 9.77 -22.29 -1.43
C VAL A 186 10.22 -22.62 -0.01
N ASN A 187 9.27 -22.80 0.91
CA ASN A 187 9.66 -23.26 2.25
C ASN A 187 10.28 -24.65 2.20
N GLU A 188 9.58 -25.59 1.55
CA GLU A 188 10.13 -26.93 1.36
C GLU A 188 11.41 -26.90 0.53
N ALA A 189 11.46 -26.02 -0.47
CA ALA A 189 12.68 -25.89 -1.28
C ALA A 189 13.86 -25.47 -0.40
N LEU A 190 13.65 -24.50 0.47
CA LEU A 190 14.72 -24.03 1.34
C LEU A 190 15.14 -25.11 2.34
N LYS A 191 14.17 -25.83 2.90
CA LYS A 191 14.51 -26.92 3.82
C LYS A 191 15.37 -27.97 3.11
N LEU A 192 14.95 -28.38 1.91
CA LEU A 192 15.71 -29.36 1.15
C LEU A 192 17.09 -28.83 0.79
N ILE A 193 17.18 -27.55 0.46
CA ILE A 193 18.46 -26.96 0.06
C ILE A 193 19.43 -26.92 1.24
N VAL A 194 18.94 -26.53 2.43
CA VAL A 194 19.84 -26.47 3.57
C VAL A 194 20.23 -27.88 4.01
N GLU A 195 19.33 -28.86 3.87
CA GLU A 195 19.74 -30.24 4.12
C GLU A 195 20.83 -30.67 3.16
N ALA A 196 20.70 -30.29 1.89
CA ALA A 196 21.72 -30.63 0.91
C ALA A 196 23.06 -29.97 1.24
N ILE A 197 23.03 -28.71 1.67
CA ILE A 197 24.27 -28.04 2.05
C ILE A 197 24.91 -28.70 3.26
N ASP A 198 24.09 -29.10 4.24
CA ASP A 198 24.63 -29.79 5.41
C ASP A 198 25.30 -31.10 5.00
N ALA A 199 24.64 -31.88 4.15
CA ALA A 199 25.24 -33.12 3.67
C ALA A 199 26.53 -32.84 2.89
N ALA A 200 26.53 -31.77 2.08
CA ALA A 200 27.70 -31.45 1.28
C ALA A 200 28.88 -31.06 2.15
N VAL A 201 28.65 -30.23 3.17
CA VAL A 201 29.75 -29.82 4.03
C VAL A 201 30.26 -31.00 4.85
N ARG A 202 29.36 -31.87 5.31
CA ARG A 202 29.79 -33.06 6.03
C ARG A 202 30.64 -33.96 5.13
N ALA A 203 30.21 -34.15 3.88
CA ALA A 203 30.94 -35.02 2.97
C ALA A 203 32.31 -34.45 2.62
N LEU A 204 32.38 -33.14 2.35
CA LEU A 204 33.67 -32.56 2.01
C LEU A 204 34.61 -32.53 3.21
N GLU A 205 34.06 -32.32 4.42
CA GLU A 205 34.89 -32.41 5.61
C GLU A 205 35.45 -33.81 5.81
N ALA A 206 34.63 -34.83 5.60
CA ALA A 206 35.12 -36.20 5.70
C ALA A 206 36.16 -36.50 4.64
N ALA A 207 35.97 -35.98 3.42
CA ALA A 207 36.93 -36.21 2.36
C ALA A 207 38.27 -35.52 2.66
N GLU A 208 38.22 -34.31 3.20
CA GLU A 208 39.45 -33.63 3.59
C GLU A 208 40.13 -34.34 4.76
N LYS A 209 39.35 -34.91 5.67
CA LYS A 209 39.93 -35.68 6.77
C LYS A 209 40.62 -36.94 6.25
N THR A 210 40.01 -37.62 5.28
CA THR A 210 40.65 -38.79 4.71
C THR A 210 41.92 -38.39 3.97
N GLY A 211 41.81 -37.49 2.99
CA GLY A 211 42.97 -36.99 2.28
C GLY A 211 43.49 -37.91 1.19
N ASP A 212 42.61 -38.46 0.37
CA ASP A 212 43.04 -39.27 -0.75
C ASP A 212 42.54 -38.65 -2.05
N PRO A 213 43.31 -38.74 -3.13
CA PRO A 213 42.88 -38.10 -4.39
C PRO A 213 41.58 -38.67 -4.93
N GLU A 214 41.38 -39.98 -4.82
CA GLU A 214 40.17 -40.60 -5.35
C GLU A 214 38.92 -40.17 -4.56
N VAL A 215 39.00 -40.17 -3.22
CA VAL A 215 37.86 -39.75 -2.43
C VAL A 215 37.64 -38.24 -2.54
N ARG A 216 38.71 -37.48 -2.79
CA ARG A 216 38.56 -36.05 -3.03
C ARG A 216 37.85 -35.77 -4.33
N GLU A 217 38.21 -36.49 -5.41
CA GLU A 217 37.50 -36.35 -6.67
C GLU A 217 36.06 -36.81 -6.56
N LEU A 218 35.82 -37.88 -5.80
CA LEU A 218 34.45 -38.33 -5.55
C LEU A 218 33.65 -37.25 -4.82
N ALA A 219 34.28 -36.61 -3.83
CA ALA A 219 33.62 -35.54 -3.11
C ALA A 219 33.30 -34.36 -4.02
N ARG A 220 34.25 -33.99 -4.87
CA ARG A 220 34.03 -32.93 -5.84
C ARG A 220 32.87 -33.28 -6.77
N GLU A 221 32.78 -34.56 -7.15
CA GLU A 221 31.69 -34.99 -8.02
C GLU A 221 30.34 -34.87 -7.32
N LEU A 222 30.25 -35.32 -6.06
CA LEU A 222 28.96 -35.24 -5.38
C LEU A 222 28.56 -33.78 -5.15
N VAL A 223 29.52 -32.93 -4.78
CA VAL A 223 29.14 -31.54 -4.52
C VAL A 223 28.81 -30.82 -5.82
N ARG A 224 29.41 -31.26 -6.95
CA ARG A 224 29.07 -30.64 -8.23
C ARG A 224 27.68 -31.04 -8.69
N LEU A 225 27.35 -32.32 -8.60
CA LEU A 225 25.98 -32.72 -8.90
C LEU A 225 25.00 -32.11 -7.92
N ALA A 226 25.45 -31.85 -6.68
CA ALA A 226 24.59 -31.24 -5.68
C ALA A 226 24.29 -29.79 -6.02
N VAL A 227 25.30 -29.03 -6.43
CA VAL A 227 25.04 -27.64 -6.81
C VAL A 227 24.23 -27.57 -8.09
N GLU A 228 24.46 -28.51 -9.01
CA GLU A 228 23.61 -28.61 -10.21
C GLU A 228 22.15 -28.79 -9.82
N ALA A 229 21.85 -29.83 -9.06
CA ALA A 229 20.47 -30.11 -8.67
C ALA A 229 19.89 -29.01 -7.80
N ALA A 230 20.71 -28.35 -6.98
CA ALA A 230 20.23 -27.28 -6.13
C ALA A 230 19.83 -26.06 -6.95
N GLU A 231 20.65 -25.70 -7.94
CA GLU A 231 20.25 -24.63 -8.85
C GLU A 231 18.99 -25.01 -9.62
N GLU A 232 18.88 -26.29 -10.00
CA GLU A 232 17.69 -26.73 -10.74
C GLU A 232 16.43 -26.59 -9.89
N VAL A 233 16.50 -27.03 -8.62
CA VAL A 233 15.31 -26.97 -7.78
C VAL A 233 15.03 -25.53 -7.35
N GLN A 234 16.07 -24.69 -7.27
CA GLN A 234 15.84 -23.29 -6.96
C GLN A 234 15.17 -22.57 -8.12
N ARG A 235 15.50 -22.96 -9.36
CA ARG A 235 14.82 -22.38 -10.51
C ARG A 235 13.43 -22.96 -10.72
N ASN A 236 13.20 -24.20 -10.27
CA ASN A 236 11.90 -24.85 -10.36
C ASN A 236 11.54 -25.40 -8.99
N PRO A 237 11.00 -24.56 -8.11
CA PRO A 237 10.69 -25.02 -6.75
C PRO A 237 9.44 -25.89 -6.67
N SER A 238 8.46 -25.64 -7.54
CA SER A 238 7.18 -26.34 -7.47
C SER A 238 7.21 -27.72 -8.13
N SER A 239 8.37 -28.30 -8.34
CA SER A 239 8.51 -29.59 -9.00
C SER A 239 8.81 -30.66 -7.95
N GLU A 240 7.80 -31.47 -7.61
CA GLU A 240 8.02 -32.61 -6.73
C GLU A 240 9.02 -33.58 -7.32
N GLU A 241 9.14 -33.62 -8.65
CA GLU A 241 10.15 -34.47 -9.28
C GLU A 241 11.56 -34.06 -8.86
N VAL A 242 11.89 -32.79 -9.02
CA VAL A 242 13.22 -32.33 -8.62
C VAL A 242 13.37 -32.35 -7.10
N ASN A 243 12.26 -32.21 -6.36
CA ASN A 243 12.32 -32.34 -4.90
C ASN A 243 12.76 -33.75 -4.52
N GLU A 244 12.12 -34.76 -5.09
CA GLU A 244 12.52 -36.14 -4.83
C GLU A 244 13.93 -36.42 -5.37
N ALA A 245 14.32 -35.74 -6.45
CA ALA A 245 15.67 -35.90 -6.96
C ALA A 245 16.71 -35.41 -5.96
N LEU A 246 16.51 -34.22 -5.39
CA LEU A 246 17.40 -33.72 -4.35
C LEU A 246 17.36 -34.61 -3.12
N LYS A 247 16.20 -35.14 -2.77
CA LYS A 247 16.10 -36.06 -1.62
C LYS A 247 16.93 -37.31 -1.87
N ASP A 248 16.82 -37.89 -3.07
CA ASP A 248 17.65 -39.04 -3.41
C ASP A 248 19.13 -38.68 -3.39
N ILE A 249 19.47 -37.48 -3.85
CA ILE A 249 20.87 -37.07 -3.90
C ILE A 249 21.45 -36.94 -2.49
N VAL A 250 20.71 -36.30 -1.59
CA VAL A 250 21.18 -36.15 -0.22
C VAL A 250 21.22 -37.50 0.48
N LYS A 251 20.28 -38.39 0.16
CA LYS A 251 20.34 -39.75 0.72
C LYS A 251 21.60 -40.47 0.25
N ALA A 252 21.96 -40.32 -1.03
CA ALA A 252 23.16 -40.94 -1.55
C ALA A 252 24.41 -40.37 -0.89
N ILE A 253 24.44 -39.05 -0.68
CA ILE A 253 25.58 -38.43 -0.01
C ILE A 253 25.70 -38.95 1.42
N GLN A 254 24.58 -39.09 2.12
CA GLN A 254 24.61 -39.62 3.48
C GLN A 254 25.12 -41.06 3.48
N GLU A 255 24.60 -41.88 2.56
CA GLU A 255 25.07 -43.26 2.48
C GLU A 255 26.57 -43.32 2.22
N ALA A 256 27.07 -42.49 1.31
CA ALA A 256 28.49 -42.51 0.98
C ALA A 256 29.33 -42.06 2.16
N VAL A 257 28.91 -41.01 2.87
CA VAL A 257 29.73 -40.49 3.97
C VAL A 257 29.71 -41.44 5.16
N GLU A 258 28.60 -42.17 5.35
CA GLU A 258 28.59 -43.17 6.42
C GLU A 258 29.30 -44.45 5.99
N SER A 259 29.45 -44.69 4.69
CA SER A 259 30.20 -45.85 4.23
C SER A 259 31.69 -45.61 4.33
N LEU A 260 32.16 -44.44 3.93
CA LEU A 260 33.59 -44.14 3.99
C LEU A 260 34.04 -43.94 5.44
N ALA B 1 -14.32 -1.82 32.05
CA ALA B 1 -14.92 -2.82 31.17
C ALA B 1 -14.50 -2.59 29.72
N SER B 2 -14.91 -1.44 29.16
CA SER B 2 -14.56 -1.12 27.78
C SER B 2 -13.09 -0.80 27.59
N SER B 3 -12.35 -0.57 28.67
CA SER B 3 -10.93 -0.29 28.56
C SER B 3 -10.18 -1.46 27.94
N TRP B 4 -10.46 -2.67 28.40
CA TRP B 4 -9.80 -3.84 27.83
C TRP B 4 -10.29 -4.13 26.42
N VAL B 5 -11.53 -3.73 26.10
CA VAL B 5 -12.00 -3.83 24.71
C VAL B 5 -11.18 -2.93 23.81
N MET B 6 -10.94 -1.69 24.27
CA MET B 6 -10.07 -0.78 23.53
C MET B 6 -8.66 -1.36 23.39
N LEU B 7 -8.15 -1.97 24.47
CA LEU B 7 -6.83 -2.55 24.42
C LEU B 7 -6.75 -3.68 23.40
N GLY B 8 -7.77 -4.53 23.35
CA GLY B 8 -7.79 -5.60 22.37
C GLY B 8 -7.89 -5.08 20.95
N LEU B 9 -8.71 -4.05 20.74
CA LEU B 9 -8.80 -3.44 19.42
C LEU B 9 -7.45 -2.87 19.00
N LEU B 10 -6.76 -2.19 19.91
CA LEU B 10 -5.46 -1.63 19.62
C LEU B 10 -4.46 -2.73 19.27
N LEU B 11 -4.44 -3.80 20.05
CA LEU B 11 -3.54 -4.91 19.77
C LEU B 11 -3.86 -5.53 18.41
N SER B 12 -5.14 -5.62 18.06
CA SER B 12 -5.52 -6.15 16.76
C SER B 12 -5.08 -5.22 15.64
N LEU B 13 -4.99 -3.92 15.91
CA LEU B 13 -4.48 -3.00 14.89
C LEU B 13 -3.00 -3.21 14.61
N LEU B 14 -2.27 -3.77 15.58
CA LEU B 14 -0.83 -3.98 15.48
C LEU B 14 -0.46 -5.36 14.97
N ASN B 15 -1.50 -6.10 14.55
CA ASN B 15 -1.44 -7.47 14.03
C ASN B 15 -1.15 -8.50 15.12
N ARG B 16 -1.27 -8.07 16.36
CA ARG B 16 -1.10 -8.97 17.50
C ARG B 16 -2.47 -9.55 17.81
N LEU B 17 -2.92 -10.47 16.96
CA LEU B 17 -4.22 -11.09 17.11
C LEU B 17 -4.35 -11.90 18.37
N SER B 18 -3.28 -12.59 18.75
CA SER B 18 -3.36 -13.45 19.93
C SER B 18 -3.56 -12.63 21.20
N LEU B 19 -2.73 -11.61 21.39
CA LEU B 19 -2.91 -10.73 22.54
C LEU B 19 -4.24 -9.99 22.47
N ALA B 20 -4.70 -9.69 21.26
CA ALA B 20 -6.02 -9.08 21.11
C ALA B 20 -7.12 -10.00 21.63
N ALA B 21 -7.06 -11.27 21.25
CA ALA B 21 -8.05 -12.23 21.72
C ALA B 21 -7.95 -12.42 23.23
N GLU B 22 -6.73 -12.40 23.77
CA GLU B 22 -6.58 -12.52 25.22
C GLU B 22 -7.18 -11.33 25.94
N ALA B 23 -6.96 -10.12 25.42
CA ALA B 23 -7.55 -8.93 26.02
C ALA B 23 -9.07 -8.95 25.91
N TYR B 24 -9.59 -9.48 24.80
CA TYR B 24 -11.04 -9.61 24.67
C TYR B 24 -11.60 -10.59 25.70
N LYS B 25 -10.91 -11.71 25.90
CA LYS B 25 -11.33 -12.65 26.92
C LYS B 25 -11.31 -12.02 28.31
N LYS B 26 -10.27 -11.22 28.59
CA LYS B 26 -10.21 -10.54 29.89
C LYS B 26 -11.33 -9.52 30.04
N ALA B 27 -11.65 -8.80 28.97
CA ALA B 27 -12.75 -7.84 29.02
C ALA B 27 -14.07 -8.55 29.28
N ILE B 28 -14.27 -9.71 28.65
CA ILE B 28 -15.48 -10.49 28.91
C ILE B 28 -15.49 -10.98 30.35
N GLU B 29 -14.32 -11.35 30.87
CA GLU B 29 -14.23 -11.75 32.27
C GLU B 29 -14.64 -10.60 33.19
N LEU B 30 -14.26 -9.37 32.84
CA LEU B 30 -14.65 -8.22 33.65
C LEU B 30 -16.15 -8.01 33.62
N ASP B 31 -16.78 -8.18 32.46
CA ASP B 31 -18.23 -8.01 32.31
C ASP B 31 -18.70 -8.87 31.15
N PRO B 32 -19.26 -10.05 31.42
CA PRO B 32 -19.73 -10.93 30.34
C PRO B 32 -20.97 -10.42 29.63
N ASN B 33 -21.55 -9.31 30.06
CA ASN B 33 -22.74 -8.75 29.43
C ASN B 33 -22.42 -7.81 28.28
N ASP B 34 -21.22 -7.89 27.72
CA ASP B 34 -20.79 -7.04 26.62
C ASP B 34 -20.90 -7.83 25.33
N ALA B 35 -21.94 -7.56 24.55
CA ALA B 35 -22.10 -8.23 23.27
C ALA B 35 -21.01 -7.83 22.29
N LEU B 36 -20.58 -6.57 22.34
CA LEU B 36 -19.51 -6.11 21.46
C LEU B 36 -18.21 -6.85 21.75
N ALA B 37 -17.95 -7.15 23.03
CA ALA B 37 -16.73 -7.86 23.39
C ALA B 37 -16.72 -9.26 22.79
N TRP B 38 -17.81 -10.02 22.98
CA TRP B 38 -17.90 -11.34 22.39
C TRP B 38 -17.82 -11.28 20.87
N LEU B 39 -18.45 -10.26 20.28
CA LEU B 39 -18.43 -10.08 18.84
C LEU B 39 -17.01 -9.91 18.32
N LEU B 40 -16.26 -8.97 18.92
CA LEU B 40 -14.90 -8.74 18.48
C LEU B 40 -14.00 -9.94 18.77
N LEU B 41 -14.25 -10.64 19.89
CA LEU B 41 -13.45 -11.81 20.20
C LEU B 41 -13.64 -12.90 19.16
N GLY B 42 -14.89 -13.16 18.77
CA GLY B 42 -15.13 -14.11 17.70
C GLY B 42 -14.50 -13.68 16.38
N SER B 43 -14.64 -12.39 16.07
CA SER B 43 -14.07 -11.88 14.82
C SER B 43 -12.57 -12.09 14.76
N VAL B 44 -11.87 -11.82 15.87
CA VAL B 44 -10.42 -11.95 15.86
C VAL B 44 -9.99 -13.41 15.94
N LEU B 45 -10.76 -14.23 16.67
CA LEU B 45 -10.43 -15.65 16.77
C LEU B 45 -10.62 -16.36 15.43
N LEU B 46 -11.51 -15.84 14.58
CA LEU B 46 -11.66 -16.40 13.25
C LEU B 46 -10.35 -16.33 12.48
N LEU B 47 -9.58 -15.27 12.72
CA LEU B 47 -8.31 -15.08 12.03
C LEU B 47 -7.20 -16.00 12.51
N LEU B 48 -7.33 -16.51 13.73
CA LEU B 48 -6.31 -17.38 14.31
C LEU B 48 -6.37 -18.81 13.77
N GLY B 49 -7.58 -19.31 13.56
CA GLY B 49 -7.76 -20.66 13.07
C GLY B 49 -8.63 -21.47 14.01
N ARG B 50 -9.00 -20.87 15.15
CA ARG B 50 -9.83 -21.52 16.14
C ARG B 50 -11.30 -21.24 15.85
N GLU B 51 -11.77 -21.78 14.73
CA GLU B 51 -13.14 -21.58 14.28
C GLU B 51 -14.16 -21.98 15.35
N GLU B 52 -13.82 -22.95 16.20
CA GLU B 52 -14.76 -23.39 17.21
C GLU B 52 -14.98 -22.30 18.28
N GLU B 53 -13.89 -21.71 18.76
CA GLU B 53 -14.02 -20.64 19.74
C GLU B 53 -14.71 -19.43 19.14
N ALA B 54 -14.45 -19.14 17.87
CA ALA B 54 -15.13 -18.03 17.20
C ALA B 54 -16.62 -18.30 17.06
N GLU B 55 -16.99 -19.55 16.74
CA GLU B 55 -18.40 -19.91 16.65
C GLU B 55 -19.08 -19.81 18.01
N GLU B 56 -18.38 -20.23 19.07
CA GLU B 56 -18.94 -20.11 20.42
C GLU B 56 -19.13 -18.65 20.80
N ALA B 57 -18.17 -17.80 20.45
CA ALA B 57 -18.29 -16.37 20.73
C ALA B 57 -19.45 -15.76 19.95
N ALA B 58 -19.62 -16.18 18.69
CA ALA B 58 -20.76 -15.71 17.90
C ALA B 58 -22.07 -16.13 18.53
N ARG B 59 -22.16 -17.38 18.97
CA ARG B 59 -23.38 -17.85 19.64
C ARG B 59 -23.65 -17.05 20.90
N LYS B 60 -22.61 -16.77 21.68
CA LYS B 60 -22.78 -15.98 22.90
C LYS B 60 -23.27 -14.58 22.58
N ALA B 61 -22.70 -13.94 21.55
CA ALA B 61 -23.11 -12.59 21.17
C ALA B 61 -24.56 -12.59 20.69
N ILE B 62 -24.94 -13.59 19.91
CA ILE B 62 -26.31 -13.66 19.40
C ILE B 62 -27.29 -13.87 20.54
N GLU B 63 -26.97 -14.79 21.46
CA GLU B 63 -27.86 -15.06 22.58
C GLU B 63 -27.95 -13.86 23.52
N LEU B 64 -26.88 -13.07 23.62
CA LEU B 64 -26.93 -11.89 24.48
C LEU B 64 -27.73 -10.77 23.85
N LYS B 65 -27.52 -10.53 22.55
CA LYS B 65 -28.28 -9.53 21.82
C LYS B 65 -28.64 -10.05 20.44
N PRO B 66 -29.90 -10.41 20.21
CA PRO B 66 -30.28 -10.98 18.91
C PRO B 66 -30.35 -9.95 17.80
N GLU B 67 -30.61 -8.68 18.16
CA GLU B 67 -30.73 -7.62 17.17
C GLU B 67 -29.42 -7.32 16.46
N MET B 68 -28.30 -7.71 17.04
CA MET B 68 -26.99 -7.46 16.43
C MET B 68 -26.84 -8.32 15.18
N ASP B 69 -27.03 -7.71 14.01
CA ASP B 69 -26.88 -8.43 12.76
C ASP B 69 -25.43 -8.73 12.42
N SER B 70 -24.49 -7.90 12.87
CA SER B 70 -23.08 -8.14 12.62
C SER B 70 -22.63 -9.45 13.24
N ALA B 71 -23.18 -9.79 14.41
CA ALA B 71 -22.91 -11.10 15.00
C ALA B 71 -23.42 -12.21 14.09
N ARG B 72 -24.65 -12.06 13.59
CA ARG B 72 -25.19 -13.01 12.62
C ARG B 72 -24.33 -13.03 11.36
N ARG B 73 -23.72 -11.89 11.01
CA ARG B 73 -22.89 -11.82 9.83
C ARG B 73 -21.69 -12.76 9.93
N LEU B 74 -20.91 -12.66 11.01
CA LEU B 74 -19.76 -13.54 11.14
C LEU B 74 -20.19 -14.95 11.51
N GLU B 75 -21.37 -15.11 12.10
CA GLU B 75 -21.94 -16.45 12.25
C GLU B 75 -22.09 -17.13 10.89
N GLY B 76 -22.76 -16.45 9.96
CA GLY B 76 -22.87 -16.98 8.60
C GLY B 76 -21.52 -17.10 7.93
N ILE B 77 -20.57 -16.23 8.29
CA ILE B 77 -19.23 -16.31 7.72
C ILE B 77 -18.55 -17.60 8.16
N ILE B 78 -18.65 -17.94 9.44
CA ILE B 78 -18.06 -19.18 9.94
C ILE B 78 -18.76 -20.38 9.32
N GLU B 79 -20.10 -20.32 9.22
CA GLU B 79 -20.83 -21.39 8.56
C GLU B 79 -20.35 -21.56 7.11
N LEU B 80 -20.12 -20.45 6.42
CA LEU B 80 -19.67 -20.50 5.03
C LEU B 80 -18.26 -21.05 4.94
N ILE B 81 -17.40 -20.70 5.88
CA ILE B 81 -16.03 -21.21 5.87
C ILE B 81 -16.03 -22.71 6.11
N ARG B 82 -16.84 -23.18 7.04
CA ARG B 82 -16.95 -24.62 7.29
C ARG B 82 -17.52 -25.33 6.07
N ARG B 83 -18.49 -24.71 5.42
CA ARG B 83 -19.12 -25.28 4.24
C ARG B 83 -18.09 -25.37 3.11
N ALA B 84 -17.27 -24.34 2.98
CA ALA B 84 -16.24 -24.30 1.93
C ALA B 84 -15.16 -25.34 2.20
N ARG B 85 -14.77 -25.52 3.46
CA ARG B 85 -13.79 -26.55 3.78
C ARG B 85 -14.36 -27.94 3.52
N GLU B 86 -15.65 -28.14 3.81
CA GLU B 86 -16.28 -29.42 3.52
C GLU B 86 -16.33 -29.68 2.02
N ALA B 87 -16.70 -28.68 1.23
CA ALA B 87 -16.68 -28.83 -0.22
C ALA B 87 -15.26 -29.06 -0.73
N ALA B 88 -14.28 -28.44 -0.10
CA ALA B 88 -12.89 -28.62 -0.52
C ALA B 88 -12.42 -30.05 -0.27
N GLU B 89 -12.70 -30.59 0.92
CA GLU B 89 -12.31 -31.96 1.20
C GLU B 89 -13.09 -32.95 0.35
N ARG B 90 -14.36 -32.65 0.04
CA ARG B 90 -15.12 -33.51 -0.86
C ARG B 90 -14.54 -33.51 -2.27
N ALA B 91 -14.14 -32.33 -2.75
CA ALA B 91 -13.50 -32.25 -4.06
C ALA B 91 -12.17 -33.00 -4.06
N GLN B 92 -11.41 -32.88 -2.97
CA GLN B 92 -10.15 -33.61 -2.87
C GLN B 92 -10.39 -35.12 -2.89
N GLU B 93 -11.41 -35.59 -2.16
CA GLU B 93 -11.72 -37.00 -2.14
C GLU B 93 -12.16 -37.49 -3.52
N ALA B 94 -12.98 -36.71 -4.22
CA ALA B 94 -13.43 -37.10 -5.55
C ALA B 94 -12.27 -37.12 -6.54
N ALA B 95 -11.38 -36.13 -6.47
CA ALA B 95 -10.22 -36.10 -7.36
C ALA B 95 -9.29 -37.26 -7.08
N GLU B 96 -9.13 -37.64 -5.81
CA GLU B 96 -8.29 -38.78 -5.49
C GLU B 96 -8.93 -40.09 -5.96
N ARG B 97 -10.25 -40.21 -5.83
CA ARG B 97 -10.94 -41.40 -6.33
C ARG B 97 -10.84 -41.50 -7.84
N THR B 98 -10.88 -40.37 -8.55
CA THR B 98 -10.73 -40.41 -10.00
C THR B 98 -9.29 -40.67 -10.40
N GLY B 99 -8.32 -40.21 -9.59
CA GLY B 99 -6.92 -40.44 -9.86
C GLY B 99 -6.30 -39.54 -10.90
N ASP B 100 -7.07 -38.68 -11.53
CA ASP B 100 -6.55 -37.83 -12.60
C ASP B 100 -5.72 -36.70 -12.01
N PRO B 101 -4.44 -36.57 -12.38
CA PRO B 101 -3.65 -35.43 -11.87
C PRO B 101 -4.20 -34.09 -12.28
N ARG B 102 -4.86 -34.00 -13.44
CA ARG B 102 -5.48 -32.74 -13.85
C ARG B 102 -6.55 -32.32 -12.84
N VAL B 103 -7.52 -33.19 -12.58
CA VAL B 103 -8.58 -32.84 -11.65
C VAL B 103 -8.02 -32.68 -10.23
N ARG B 104 -6.95 -33.40 -9.91
CA ARG B 104 -6.34 -33.24 -8.58
C ARG B 104 -5.75 -31.85 -8.40
N GLU B 105 -4.95 -31.39 -9.37
CA GLU B 105 -4.37 -30.05 -9.27
C GLU B 105 -5.44 -28.97 -9.39
N LEU B 106 -6.50 -29.22 -10.15
CA LEU B 106 -7.59 -28.27 -10.21
C LEU B 106 -8.30 -28.15 -8.86
N ALA B 107 -8.54 -29.28 -8.19
CA ALA B 107 -9.13 -29.24 -6.86
C ALA B 107 -8.19 -28.56 -5.86
N ARG B 108 -6.89 -28.76 -6.03
CA ARG B 108 -5.91 -28.12 -5.15
C ARG B 108 -5.95 -26.60 -5.31
N GLU B 109 -5.94 -26.13 -6.57
CA GLU B 109 -6.03 -24.69 -6.82
C GLU B 109 -7.36 -24.13 -6.33
N LEU B 110 -8.43 -24.91 -6.45
CA LEU B 110 -9.73 -24.47 -5.95
C LEU B 110 -9.71 -24.32 -4.43
N LYS B 111 -9.10 -25.28 -3.73
CA LYS B 111 -8.95 -25.16 -2.29
C LYS B 111 -8.12 -23.94 -1.92
N ARG B 112 -7.03 -23.70 -2.66
CA ARG B 112 -6.20 -22.54 -2.40
C ARG B 112 -6.99 -21.24 -2.56
N LEU B 113 -7.77 -21.15 -3.64
CA LEU B 113 -8.55 -19.94 -3.87
C LEU B 113 -9.64 -19.76 -2.81
N ALA B 114 -10.26 -20.86 -2.40
CA ALA B 114 -11.25 -20.78 -1.33
C ALA B 114 -10.63 -20.29 -0.03
N GLN B 115 -9.43 -20.79 0.29
CA GLN B 115 -8.76 -20.34 1.50
C GLN B 115 -8.34 -18.87 1.40
N GLU B 116 -7.93 -18.44 0.21
CA GLU B 116 -7.58 -17.03 0.02
C GLU B 116 -8.79 -16.13 0.23
N ALA B 117 -9.92 -16.50 -0.37
CA ALA B 117 -11.15 -15.71 -0.17
C ALA B 117 -11.60 -15.75 1.28
N ALA B 118 -11.40 -16.88 1.97
CA ALA B 118 -11.74 -16.98 3.38
C ALA B 118 -10.89 -16.04 4.21
N GLU B 119 -9.59 -15.99 3.93
CA GLU B 119 -8.72 -15.07 4.64
C GLU B 119 -9.13 -13.63 4.36
N GLU B 120 -9.52 -13.33 3.12
CA GLU B 120 -9.96 -11.98 2.78
C GLU B 120 -11.19 -11.58 3.57
N VAL B 121 -12.19 -12.46 3.62
CA VAL B 121 -13.41 -12.12 4.34
C VAL B 121 -13.15 -12.08 5.85
N ARG B 122 -12.18 -12.86 6.33
CA ARG B 122 -11.79 -12.75 7.74
C ARG B 122 -11.18 -11.38 8.01
N ARG B 123 -10.35 -10.89 7.10
CA ARG B 123 -9.76 -9.57 7.29
C ARG B 123 -10.81 -8.47 7.20
N ASP B 124 -11.81 -8.61 6.32
CA ASP B 124 -12.86 -7.63 6.16
C ASP B 124 -14.21 -8.34 6.30
N PRO B 125 -14.67 -8.54 7.54
CA PRO B 125 -15.94 -9.28 7.73
C PRO B 125 -17.18 -8.49 7.35
N ASP B 126 -17.22 -7.20 7.71
CA ASP B 126 -18.43 -6.42 7.54
C ASP B 126 -18.75 -6.08 6.09
N SER B 127 -17.82 -6.31 5.17
CA SER B 127 -18.03 -5.91 3.78
C SER B 127 -18.93 -6.91 3.08
N LYS B 128 -20.18 -6.52 2.86
CA LYS B 128 -21.13 -7.35 2.13
C LYS B 128 -20.62 -7.69 0.75
N ASP B 129 -19.75 -6.85 0.19
CA ASP B 129 -19.15 -7.13 -1.11
C ASP B 129 -18.46 -8.48 -1.12
N VAL B 130 -17.40 -8.62 -0.30
CA VAL B 130 -16.66 -9.88 -0.27
C VAL B 130 -17.50 -10.98 0.37
N ASN B 131 -18.43 -10.62 1.26
CA ASN B 131 -19.36 -11.61 1.78
C ASN B 131 -20.10 -12.33 0.66
N GLU B 132 -20.83 -11.57 -0.18
CA GLU B 132 -21.56 -12.17 -1.28
C GLU B 132 -20.63 -12.76 -2.33
N ALA B 133 -19.43 -12.20 -2.48
CA ALA B 133 -18.45 -12.79 -3.39
C ALA B 133 -18.13 -14.21 -2.98
N LEU B 134 -17.78 -14.41 -1.71
CA LEU B 134 -17.49 -15.74 -1.22
C LEU B 134 -18.74 -16.62 -1.20
N LYS B 135 -19.93 -16.01 -1.10
CA LYS B 135 -21.16 -16.79 -1.24
C LYS B 135 -21.26 -17.40 -2.64
N LEU B 136 -21.05 -16.58 -3.66
CA LEU B 136 -21.02 -17.11 -5.02
C LEU B 136 -19.91 -18.14 -5.18
N ILE B 137 -18.76 -17.90 -4.53
CA ILE B 137 -17.65 -18.84 -4.63
C ILE B 137 -18.00 -20.18 -3.99
N VAL B 138 -18.73 -20.15 -2.88
CA VAL B 138 -19.03 -21.42 -2.21
C VAL B 138 -20.11 -22.19 -2.95
N GLU B 139 -21.11 -21.50 -3.54
CA GLU B 139 -22.00 -22.23 -4.43
C GLU B 139 -21.27 -22.72 -5.68
N ALA B 140 -20.22 -22.02 -6.10
CA ALA B 140 -19.41 -22.50 -7.21
C ALA B 140 -18.70 -23.79 -6.87
N ILE B 141 -18.07 -23.86 -5.70
CA ILE B 141 -17.37 -25.09 -5.32
C ILE B 141 -18.37 -26.20 -5.02
N GLU B 142 -19.58 -25.84 -4.55
CA GLU B 142 -20.62 -26.85 -4.35
C GLU B 142 -21.09 -27.43 -5.68
N ALA B 143 -21.35 -26.57 -6.67
CA ALA B 143 -21.67 -27.07 -8.01
C ALA B 143 -20.52 -27.91 -8.57
N ALA B 144 -19.28 -27.53 -8.22
CA ALA B 144 -18.12 -28.29 -8.70
C ALA B 144 -18.08 -29.69 -8.09
N VAL B 145 -18.33 -29.80 -6.79
CA VAL B 145 -18.30 -31.14 -6.18
C VAL B 145 -19.51 -31.95 -6.63
N ARG B 146 -20.63 -31.29 -6.91
CA ARG B 146 -21.76 -31.99 -7.50
C ARG B 146 -21.40 -32.53 -8.88
N ALA B 147 -20.71 -31.74 -9.69
CA ALA B 147 -20.25 -32.21 -10.99
C ALA B 147 -19.27 -33.36 -10.83
N LEU B 148 -18.41 -33.30 -9.82
CA LEU B 148 -17.45 -34.38 -9.59
C LEU B 148 -18.15 -35.67 -9.20
N GLU B 149 -19.15 -35.59 -8.32
CA GLU B 149 -19.86 -36.79 -7.92
C GLU B 149 -20.67 -37.34 -9.09
N ALA B 150 -21.23 -36.46 -9.93
CA ALA B 150 -21.94 -36.93 -11.11
C ALA B 150 -21.00 -37.61 -12.09
N ALA B 151 -19.80 -37.05 -12.29
CA ALA B 151 -18.83 -37.66 -13.18
C ALA B 151 -18.37 -39.01 -12.64
N GLU B 152 -18.20 -39.12 -11.33
CA GLU B 152 -17.84 -40.41 -10.74
C GLU B 152 -18.95 -41.42 -10.89
N ARG B 153 -20.21 -41.00 -10.74
CA ARG B 153 -21.33 -41.92 -10.92
C ARG B 153 -21.48 -42.34 -12.38
N THR B 154 -21.09 -41.47 -13.32
CA THR B 154 -21.18 -41.83 -14.73
C THR B 154 -20.04 -42.77 -15.13
N GLY B 155 -18.79 -42.30 -15.01
CA GLY B 155 -17.64 -43.11 -15.32
C GLY B 155 -17.18 -43.07 -16.77
N ASP B 156 -17.90 -42.36 -17.65
CA ASP B 156 -17.50 -42.31 -19.05
C ASP B 156 -16.42 -41.24 -19.25
N PRO B 157 -15.44 -41.51 -20.11
CA PRO B 157 -14.38 -40.51 -20.34
C PRO B 157 -14.89 -39.23 -20.97
N GLU B 158 -15.92 -39.31 -21.83
CA GLU B 158 -16.47 -38.11 -22.43
C GLU B 158 -17.02 -37.16 -21.37
N VAL B 159 -17.92 -37.66 -20.52
CA VAL B 159 -18.48 -36.82 -19.47
C VAL B 159 -17.43 -36.47 -18.43
N ARG B 160 -16.39 -37.30 -18.28
CA ARG B 160 -15.27 -36.94 -17.40
C ARG B 160 -14.57 -35.69 -17.90
N GLU B 161 -14.24 -35.66 -19.20
CA GLU B 161 -13.61 -34.47 -19.78
C GLU B 161 -14.56 -33.28 -19.74
N LEU B 162 -15.87 -33.53 -19.92
CA LEU B 162 -16.85 -32.45 -19.83
C LEU B 162 -16.85 -31.82 -18.45
N ALA B 163 -16.88 -32.66 -17.40
CA ALA B 163 -16.81 -32.16 -16.04
C ALA B 163 -15.49 -31.45 -15.78
N ARG B 164 -14.40 -31.93 -16.37
CA ARG B 164 -13.12 -31.25 -16.25
C ARG B 164 -13.20 -29.83 -16.79
N GLU B 165 -13.78 -29.68 -17.99
CA GLU B 165 -13.93 -28.35 -18.57
C GLU B 165 -14.84 -27.47 -17.72
N LEU B 166 -15.93 -28.04 -17.18
CA LEU B 166 -16.84 -27.26 -16.35
C LEU B 166 -16.14 -26.76 -15.09
N VAL B 167 -15.40 -27.65 -14.41
CA VAL B 167 -14.73 -27.21 -13.18
C VAL B 167 -13.59 -26.25 -13.51
N ARG B 168 -12.98 -26.39 -14.69
CA ARG B 168 -11.95 -25.44 -15.10
C ARG B 168 -12.53 -24.04 -15.24
N LEU B 169 -13.63 -23.91 -16.00
CA LEU B 169 -14.24 -22.60 -16.16
C LEU B 169 -14.78 -22.09 -14.83
N ALA B 170 -15.26 -23.00 -13.97
CA ALA B 170 -15.77 -22.59 -12.66
C ALA B 170 -14.67 -21.97 -11.81
N VAL B 171 -13.53 -22.64 -11.71
CA VAL B 171 -12.45 -22.10 -10.89
C VAL B 171 -11.85 -20.87 -11.53
N GLU B 172 -11.90 -20.77 -12.87
CA GLU B 172 -11.43 -19.55 -13.53
C GLU B 172 -12.32 -18.35 -13.18
N ALA B 173 -13.63 -18.53 -13.28
CA ALA B 173 -14.54 -17.46 -12.90
C ALA B 173 -14.43 -17.13 -11.42
N ALA B 174 -14.20 -18.15 -10.58
CA ALA B 174 -14.04 -17.90 -9.16
C ALA B 174 -12.78 -17.09 -8.88
N GLU B 175 -11.68 -17.40 -9.57
CA GLU B 175 -10.47 -16.59 -9.43
C GLU B 175 -10.72 -15.16 -9.91
N GLU B 176 -11.49 -15.02 -10.99
CA GLU B 176 -11.81 -13.67 -11.48
C GLU B 176 -12.57 -12.87 -10.45
N VAL B 177 -13.60 -13.47 -9.85
CA VAL B 177 -14.41 -12.72 -8.88
C VAL B 177 -13.65 -12.51 -7.59
N GLN B 178 -12.70 -13.39 -7.26
CA GLN B 178 -11.87 -13.17 -6.09
C GLN B 178 -10.89 -12.03 -6.32
N ARG B 179 -10.35 -11.92 -7.53
CA ARG B 179 -9.44 -10.82 -7.84
C ARG B 179 -10.18 -9.49 -7.93
N ASN B 180 -11.41 -9.51 -8.44
CA ASN B 180 -12.24 -8.31 -8.61
C ASN B 180 -13.54 -8.50 -7.83
N PRO B 181 -13.52 -8.24 -6.51
CA PRO B 181 -14.76 -8.45 -5.73
C PRO B 181 -15.81 -7.39 -5.96
N SER B 182 -15.41 -6.12 -6.06
CA SER B 182 -16.34 -5.00 -6.08
C SER B 182 -16.79 -4.62 -7.48
N SER B 183 -16.84 -5.58 -8.40
CA SER B 183 -17.26 -5.33 -9.78
C SER B 183 -18.55 -6.09 -10.07
N SER B 184 -19.66 -5.35 -10.17
CA SER B 184 -20.96 -5.96 -10.39
C SER B 184 -21.03 -6.72 -11.70
N ASP B 185 -20.22 -6.33 -12.68
CA ASP B 185 -20.21 -7.06 -13.95
C ASP B 185 -19.75 -8.49 -13.77
N VAL B 186 -18.62 -8.69 -13.07
CA VAL B 186 -18.17 -10.06 -12.85
C VAL B 186 -19.05 -10.73 -11.81
N ASN B 187 -19.73 -9.96 -10.96
CA ASN B 187 -20.71 -10.56 -10.05
C ASN B 187 -21.85 -11.22 -10.83
N GLU B 188 -22.46 -10.46 -11.75
CA GLU B 188 -23.50 -11.03 -12.60
C GLU B 188 -22.96 -12.16 -13.46
N ALA B 189 -21.72 -12.03 -13.94
CA ALA B 189 -21.11 -13.10 -14.73
C ALA B 189 -21.01 -14.38 -13.91
N LEU B 190 -20.58 -14.27 -12.66
CA LEU B 190 -20.44 -15.45 -11.81
C LEU B 190 -21.80 -16.05 -11.50
N LYS B 191 -22.80 -15.21 -11.22
CA LYS B 191 -24.14 -15.73 -10.97
C LYS B 191 -24.66 -16.51 -12.17
N LEU B 192 -24.51 -15.93 -13.37
CA LEU B 192 -24.96 -16.60 -14.58
C LEU B 192 -24.19 -17.88 -14.81
N ILE B 193 -22.89 -17.87 -14.52
CA ILE B 193 -22.06 -19.05 -14.75
C ILE B 193 -22.46 -20.18 -13.81
N VAL B 194 -22.69 -19.87 -12.53
CA VAL B 194 -23.08 -20.93 -11.62
C VAL B 194 -24.47 -21.45 -11.93
N GLU B 195 -25.38 -20.57 -12.40
CA GLU B 195 -26.68 -21.06 -12.87
C GLU B 195 -26.50 -22.01 -14.05
N ALA B 196 -25.60 -21.67 -14.97
CA ALA B 196 -25.34 -22.54 -16.12
C ALA B 196 -24.77 -23.88 -15.68
N ILE B 197 -23.85 -23.88 -14.70
CA ILE B 197 -23.30 -25.14 -14.21
C ILE B 197 -24.37 -25.97 -13.53
N ASP B 198 -25.26 -25.33 -12.76
CA ASP B 198 -26.34 -26.07 -12.14
C ASP B 198 -27.24 -26.73 -13.18
N ALA B 199 -27.62 -25.96 -14.21
CA ALA B 199 -28.42 -26.54 -15.27
C ALA B 199 -27.69 -27.67 -15.98
N ALA B 200 -26.38 -27.51 -16.19
CA ALA B 200 -25.60 -28.53 -16.89
C ALA B 200 -25.54 -29.82 -16.08
N VAL B 201 -25.29 -29.71 -14.77
CA VAL B 201 -25.20 -30.93 -13.96
C VAL B 201 -26.57 -31.59 -13.87
N ARG B 202 -27.64 -30.80 -13.74
CA ARG B 202 -28.97 -31.40 -13.73
C ARG B 202 -29.27 -32.13 -15.03
N ALA B 203 -28.92 -31.51 -16.17
CA ALA B 203 -29.19 -32.12 -17.46
C ALA B 203 -28.38 -33.40 -17.65
N LEU B 204 -27.10 -33.38 -17.29
CA LEU B 204 -26.30 -34.58 -17.48
C LEU B 204 -26.71 -35.69 -16.52
N GLU B 205 -27.14 -35.33 -15.30
CA GLU B 205 -27.67 -36.34 -14.39
C GLU B 205 -28.93 -36.98 -14.95
N ALA B 206 -29.84 -36.16 -15.51
CA ALA B 206 -31.05 -36.71 -16.12
C ALA B 206 -30.71 -37.59 -17.31
N ALA B 207 -29.72 -37.19 -18.11
CA ALA B 207 -29.33 -37.99 -19.27
C ALA B 207 -28.73 -39.32 -18.85
N GLU B 208 -27.91 -39.32 -17.80
CA GLU B 208 -27.35 -40.57 -17.29
C GLU B 208 -28.43 -41.44 -16.68
N LYS B 209 -29.45 -40.84 -16.05
CA LYS B 209 -30.56 -41.62 -15.52
C LYS B 209 -31.36 -42.27 -16.64
N THR B 210 -31.58 -41.54 -17.73
CA THR B 210 -32.28 -42.13 -18.86
C THR B 210 -31.47 -43.26 -19.47
N GLY B 211 -30.24 -42.95 -19.90
CA GLY B 211 -29.35 -43.96 -20.43
C GLY B 211 -29.61 -44.35 -21.87
N ASP B 212 -29.82 -43.37 -22.74
CA ASP B 212 -29.98 -43.65 -24.15
C ASP B 212 -28.90 -42.93 -24.95
N PRO B 213 -28.40 -43.53 -26.02
CA PRO B 213 -27.31 -42.88 -26.78
C PRO B 213 -27.70 -41.54 -27.36
N GLU B 214 -28.94 -41.40 -27.85
CA GLU B 214 -29.36 -40.14 -28.45
C GLU B 214 -29.48 -39.03 -27.42
N VAL B 215 -30.08 -39.31 -26.26
CA VAL B 215 -30.19 -38.29 -25.22
C VAL B 215 -28.83 -38.01 -24.59
N ARG B 216 -27.93 -38.99 -24.59
CA ARG B 216 -26.57 -38.75 -24.12
C ARG B 216 -25.80 -37.83 -25.04
N GLU B 217 -25.91 -38.06 -26.35
CA GLU B 217 -25.28 -37.16 -27.32
C GLU B 217 -25.90 -35.76 -27.26
N LEU B 218 -27.22 -35.68 -27.06
CA LEU B 218 -27.86 -34.39 -26.90
C LEU B 218 -27.33 -33.67 -25.65
N ALA B 219 -27.15 -34.42 -24.56
CA ALA B 219 -26.60 -33.84 -23.34
C ALA B 219 -25.18 -33.34 -23.56
N ARG B 220 -24.36 -34.15 -24.25
CA ARG B 220 -23.00 -33.72 -24.57
C ARG B 220 -23.02 -32.45 -25.41
N GLU B 221 -23.99 -32.35 -26.34
CA GLU B 221 -24.09 -31.16 -27.17
C GLU B 221 -24.43 -29.93 -26.34
N LEU B 222 -25.42 -30.05 -25.44
CA LEU B 222 -25.79 -28.88 -24.65
C LEU B 222 -24.66 -28.47 -23.71
N VAL B 223 -23.97 -29.44 -23.11
CA VAL B 223 -22.90 -29.06 -22.19
C VAL B 223 -21.70 -28.50 -22.97
N ARG B 224 -21.51 -28.92 -24.22
CA ARG B 224 -20.42 -28.38 -25.01
C ARG B 224 -20.70 -26.94 -25.43
N LEU B 225 -21.92 -26.68 -25.92
CA LEU B 225 -22.27 -25.29 -26.20
C LEU B 225 -22.29 -24.46 -24.93
N ALA B 226 -22.57 -25.08 -23.79
CA ALA B 226 -22.58 -24.37 -22.52
C ALA B 226 -21.17 -23.96 -22.11
N VAL B 227 -20.20 -24.87 -22.23
CA VAL B 227 -18.82 -24.51 -21.88
C VAL B 227 -18.28 -23.49 -22.88
N GLU B 228 -18.66 -23.62 -24.15
CA GLU B 228 -18.29 -22.61 -25.14
C GLU B 228 -18.78 -21.22 -24.71
N ALA B 229 -20.09 -21.09 -24.49
CA ALA B 229 -20.65 -19.79 -24.12
C ALA B 229 -20.15 -19.31 -22.77
N ALA B 230 -19.85 -20.24 -21.85
CA ALA B 230 -19.33 -19.85 -20.54
C ALA B 230 -17.93 -19.28 -20.65
N GLU B 231 -17.06 -19.92 -21.45
CA GLU B 231 -15.75 -19.35 -21.70
C GLU B 231 -15.88 -18.00 -22.40
N GLU B 232 -16.84 -17.87 -23.32
CA GLU B 232 -17.02 -16.61 -24.02
C GLU B 232 -17.42 -15.49 -23.06
N VAL B 233 -18.37 -15.76 -22.16
CA VAL B 233 -18.82 -14.73 -21.25
C VAL B 233 -17.78 -14.46 -20.17
N GLN B 234 -16.96 -15.46 -19.83
CA GLN B 234 -15.89 -15.24 -18.88
C GLN B 234 -14.79 -14.37 -19.49
N ARG B 235 -14.55 -14.51 -20.79
CA ARG B 235 -13.58 -13.64 -21.46
C ARG B 235 -14.15 -12.26 -21.73
N ASN B 236 -15.46 -12.15 -21.90
CA ASN B 236 -16.13 -10.87 -22.12
C ASN B 236 -17.29 -10.75 -21.14
N PRO B 237 -17.00 -10.32 -19.90
CA PRO B 237 -18.06 -10.25 -18.89
C PRO B 237 -18.99 -9.06 -19.07
N SER B 238 -18.49 -7.94 -19.60
CA SER B 238 -19.26 -6.71 -19.71
C SER B 238 -20.19 -6.69 -20.93
N SER B 239 -20.48 -7.84 -21.53
CA SER B 239 -21.31 -7.92 -22.73
C SER B 239 -22.70 -8.42 -22.34
N GLU B 240 -23.67 -7.51 -22.30
CA GLU B 240 -25.06 -7.90 -22.08
C GLU B 240 -25.55 -8.83 -23.18
N GLU B 241 -24.96 -8.75 -24.37
CA GLU B 241 -25.32 -9.68 -25.44
C GLU B 241 -25.01 -11.11 -25.05
N VAL B 242 -23.76 -11.38 -24.63
CA VAL B 242 -23.41 -12.74 -24.23
C VAL B 242 -24.10 -13.10 -22.92
N ASN B 243 -24.43 -12.12 -22.08
CA ASN B 243 -25.20 -12.41 -20.88
C ASN B 243 -26.58 -12.97 -21.24
N GLU B 244 -27.29 -12.28 -22.14
CA GLU B 244 -28.57 -12.78 -22.60
C GLU B 244 -28.42 -14.09 -23.37
N ALA B 245 -27.29 -14.29 -24.04
CA ALA B 245 -27.05 -15.54 -24.74
C ALA B 245 -26.98 -16.71 -23.76
N LEU B 246 -26.20 -16.54 -22.68
CA LEU B 246 -26.13 -17.57 -21.65
C LEU B 246 -27.48 -17.77 -20.97
N LYS B 247 -28.24 -16.68 -20.77
CA LYS B 247 -29.58 -16.81 -20.19
C LYS B 247 -30.49 -17.63 -21.08
N ASP B 248 -30.47 -17.36 -22.38
CA ASP B 248 -31.24 -18.16 -23.33
C ASP B 248 -30.78 -19.61 -23.32
N ILE B 249 -29.47 -19.84 -23.20
CA ILE B 249 -28.94 -21.20 -23.23
C ILE B 249 -29.40 -21.98 -22.00
N VAL B 250 -29.33 -21.36 -20.82
CA VAL B 250 -29.77 -22.04 -19.61
C VAL B 250 -31.28 -22.23 -19.62
N LYS B 251 -32.03 -21.29 -20.21
CA LYS B 251 -33.46 -21.48 -20.36
C LYS B 251 -33.76 -22.69 -21.26
N ALA B 252 -33.00 -22.83 -22.35
CA ALA B 252 -33.19 -23.97 -23.24
C ALA B 252 -32.84 -25.28 -22.55
N ILE B 253 -31.77 -25.28 -21.75
CA ILE B 253 -31.42 -26.50 -21.02
C ILE B 253 -32.51 -26.86 -20.02
N GLN B 254 -33.06 -25.86 -19.33
CA GLN B 254 -34.15 -26.13 -18.40
C GLN B 254 -35.38 -26.68 -19.12
N GLU B 255 -35.75 -26.07 -20.25
CA GLU B 255 -36.87 -26.57 -21.03
C GLU B 255 -36.65 -28.01 -21.46
N ALA B 256 -35.44 -28.32 -21.93
CA ALA B 256 -35.16 -29.68 -22.39
C ALA B 256 -35.22 -30.68 -21.24
N VAL B 257 -34.65 -30.33 -20.09
CA VAL B 257 -34.60 -31.29 -18.99
C VAL B 257 -35.99 -31.49 -18.38
N GLU B 258 -36.84 -30.45 -18.41
CA GLU B 258 -38.21 -30.65 -17.96
C GLU B 258 -39.09 -31.32 -19.00
N SER B 259 -38.68 -31.27 -20.28
CA SER B 259 -39.42 -32.00 -21.30
C SER B 259 -39.10 -33.49 -21.29
N LEU B 260 -37.82 -33.84 -21.16
CA LEU B 260 -37.43 -35.25 -21.12
C LEU B 260 -37.88 -35.90 -19.82
N ALA C 1 -17.40 9.09 28.77
CA ALA C 1 -17.95 9.79 27.62
C ALA C 1 -17.06 9.62 26.40
N SER C 2 -15.83 10.13 26.49
CA SER C 2 -14.90 10.04 25.37
C SER C 2 -14.37 8.63 25.16
N SER C 3 -14.58 7.73 26.13
CA SER C 3 -14.13 6.35 25.97
C SER C 3 -14.82 5.68 24.79
N TRP C 4 -16.14 5.84 24.67
CA TRP C 4 -16.84 5.25 23.55
C TRP C 4 -16.51 5.95 22.24
N VAL C 5 -16.14 7.23 22.30
CA VAL C 5 -15.66 7.91 21.11
C VAL C 5 -14.36 7.27 20.63
N MET C 6 -13.45 7.01 21.55
CA MET C 6 -12.23 6.30 21.21
C MET C 6 -12.53 4.92 20.65
N LEU C 7 -13.50 4.23 21.24
CA LEU C 7 -13.87 2.89 20.77
C LEU C 7 -14.40 2.96 19.34
N GLY C 8 -15.24 3.94 19.05
CA GLY C 8 -15.75 4.09 17.69
C GLY C 8 -14.66 4.44 16.70
N LEU C 9 -13.74 5.31 17.09
CA LEU C 9 -12.61 5.63 16.22
C LEU C 9 -11.78 4.39 15.94
N LEU C 10 -11.52 3.58 16.97
CA LEU C 10 -10.75 2.35 16.79
C LEU C 10 -11.46 1.39 15.85
N LEU C 11 -12.77 1.20 16.05
CA LEU C 11 -13.54 0.34 15.17
C LEU C 11 -13.52 0.85 13.74
N SER C 12 -13.57 2.17 13.55
CA SER C 12 -13.49 2.74 12.22
C SER C 12 -12.12 2.50 11.60
N LEU C 13 -11.07 2.42 12.42
CA LEU C 13 -9.75 2.10 11.89
C LEU C 13 -9.66 0.68 11.35
N LEU C 14 -10.52 -0.21 11.85
CA LEU C 14 -10.51 -1.62 11.48
C LEU C 14 -11.48 -1.94 10.35
N ASN C 15 -12.05 -0.87 9.79
CA ASN C 15 -13.03 -0.89 8.68
C ASN C 15 -14.40 -1.38 9.12
N ARG C 16 -14.59 -1.45 10.44
CA ARG C 16 -15.87 -1.84 11.00
C ARG C 16 -16.67 -0.56 11.18
N LEU C 17 -17.14 0.00 10.07
CA LEU C 17 -17.90 1.24 10.08
C LEU C 17 -19.20 1.14 10.84
N SER C 18 -19.88 0.01 10.71
CA SER C 18 -21.17 -0.14 11.37
C SER C 18 -21.04 -0.12 12.88
N LEU C 19 -20.14 -0.94 13.43
CA LEU C 19 -19.89 -0.91 14.86
C LEU C 19 -19.34 0.43 15.30
N ALA C 20 -18.58 1.10 14.43
CA ALA C 20 -18.10 2.44 14.75
C ALA C 20 -19.26 3.41 14.93
N ALA C 21 -20.22 3.37 14.00
CA ALA C 21 -21.38 4.24 14.11
C ALA C 21 -22.20 3.90 15.34
N GLU C 22 -22.31 2.61 15.66
CA GLU C 22 -23.05 2.21 16.86
C GLU C 22 -22.37 2.74 18.12
N ALA C 23 -21.05 2.63 18.18
CA ALA C 23 -20.32 3.16 19.34
C ALA C 23 -20.44 4.67 19.42
N TYR C 24 -20.47 5.35 18.28
CA TYR C 24 -20.67 6.80 18.28
C TYR C 24 -22.05 7.15 18.82
N LYS C 25 -23.07 6.40 18.39
CA LYS C 25 -24.42 6.63 18.91
C LYS C 25 -24.47 6.40 20.42
N LYS C 26 -23.78 5.37 20.90
CA LYS C 26 -23.76 5.11 22.34
C LYS C 26 -23.03 6.22 23.09
N ALA C 27 -21.95 6.74 22.52
CA ALA C 27 -21.23 7.84 23.14
C ALA C 27 -22.12 9.08 23.22
N ILE C 28 -22.88 9.35 22.16
CA ILE C 28 -23.80 10.48 22.19
C ILE C 28 -24.89 10.23 23.23
N GLU C 29 -25.34 8.99 23.36
CA GLU C 29 -26.31 8.65 24.40
C GLU C 29 -25.74 8.95 25.79
N LEU C 30 -24.45 8.67 26.00
CA LEU C 30 -23.84 8.96 27.29
C LEU C 30 -23.79 10.46 27.55
N ASP C 31 -23.48 11.25 26.53
CA ASP C 31 -23.41 12.70 26.67
C ASP C 31 -23.70 13.33 25.31
N PRO C 32 -24.93 13.80 25.08
CA PRO C 32 -25.27 14.41 23.78
C PRO C 32 -24.63 15.77 23.56
N ASN C 33 -23.88 16.31 24.52
CA ASN C 33 -23.24 17.60 24.39
C ASN C 33 -21.85 17.50 23.75
N ASP C 34 -21.55 16.40 23.08
CA ASP C 34 -20.25 16.18 22.44
C ASP C 34 -20.39 16.47 20.96
N ALA C 35 -19.91 17.64 20.54
CA ALA C 35 -19.94 17.98 19.12
C ALA C 35 -19.04 17.07 18.30
N LEU C 36 -17.88 16.68 18.87
CA LEU C 36 -16.98 15.77 18.16
C LEU C 36 -17.64 14.42 17.92
N ALA C 37 -18.44 13.96 18.87
CA ALA C 37 -19.12 12.67 18.70
C ALA C 37 -20.10 12.72 17.54
N TRP C 38 -20.96 13.74 17.50
CA TRP C 38 -21.88 13.88 16.37
C TRP C 38 -21.13 14.04 15.06
N LEU C 39 -20.02 14.79 15.10
CA LEU C 39 -19.21 15.02 13.90
C LEU C 39 -18.69 13.70 13.34
N LEU C 40 -18.06 12.90 14.19
CA LEU C 40 -17.51 11.62 13.75
C LEU C 40 -18.62 10.67 13.32
N LEU C 41 -19.76 10.70 14.02
CA LEU C 41 -20.87 9.82 13.66
C LEU C 41 -21.38 10.14 12.27
N GLY C 42 -21.56 11.44 11.97
CA GLY C 42 -21.96 11.80 10.62
C GLY C 42 -20.91 11.42 9.59
N SER C 43 -19.64 11.64 9.91
CA SER C 43 -18.57 11.31 8.98
C SER C 43 -18.58 9.82 8.64
N VAL C 44 -18.77 8.96 9.65
CA VAL C 44 -18.72 7.53 9.40
C VAL C 44 -20.02 7.06 8.74
N LEU C 45 -21.16 7.67 9.10
CA LEU C 45 -22.42 7.28 8.49
C LEU C 45 -22.47 7.65 7.02
N LEU C 46 -21.73 8.70 6.63
CA LEU C 46 -21.64 9.04 5.21
C LEU C 46 -21.10 7.87 4.40
N LEU C 47 -20.20 7.10 5.00
CA LEU C 47 -19.57 5.97 4.31
C LEU C 47 -20.50 4.76 4.17
N LEU C 48 -21.50 4.68 5.03
CA LEU C 48 -22.44 3.55 5.01
C LEU C 48 -23.48 3.66 3.89
N GLY C 49 -23.95 4.87 3.63
CA GLY C 49 -24.95 5.08 2.59
C GLY C 49 -26.18 5.76 3.17
N ARG C 50 -26.19 5.96 4.49
CA ARG C 50 -27.30 6.61 5.17
C ARG C 50 -27.06 8.11 5.24
N GLU C 51 -27.08 8.74 4.06
CA GLU C 51 -26.85 10.17 3.93
C GLU C 51 -27.78 10.98 4.82
N GLU C 52 -28.99 10.49 5.07
CA GLU C 52 -29.94 11.24 5.90
C GLU C 52 -29.48 11.32 7.34
N GLU C 53 -29.06 10.18 7.90
CA GLU C 53 -28.55 10.18 9.28
C GLU C 53 -27.28 11.01 9.39
N ALA C 54 -26.42 10.96 8.37
CA ALA C 54 -25.22 11.77 8.38
C ALA C 54 -25.55 13.26 8.33
N GLU C 55 -26.54 13.63 7.53
CA GLU C 55 -26.96 15.02 7.46
C GLU C 55 -27.55 15.48 8.79
N GLU C 56 -28.33 14.61 9.44
CA GLU C 56 -28.88 14.95 10.75
C GLU C 56 -27.78 15.12 11.79
N ALA C 57 -26.77 14.25 11.74
CA ALA C 57 -25.64 14.38 12.66
C ALA C 57 -24.86 15.66 12.40
N ALA C 58 -24.69 16.02 11.12
CA ALA C 58 -24.03 17.28 10.79
C ALA C 58 -24.82 18.47 11.32
N ARG C 59 -26.14 18.45 11.15
CA ARG C 59 -26.97 19.52 11.67
C ARG C 59 -26.86 19.61 13.18
N LYS C 60 -26.85 18.46 13.87
CA LYS C 60 -26.72 18.48 15.32
C LYS C 60 -25.38 19.05 15.75
N ALA C 61 -24.30 18.67 15.05
CA ALA C 61 -22.98 19.18 15.40
C ALA C 61 -22.90 20.67 15.16
N ILE C 62 -23.48 21.16 14.07
CA ILE C 62 -23.45 22.58 13.76
C ILE C 62 -24.25 23.37 14.80
N GLU C 63 -25.44 22.87 15.13
CA GLU C 63 -26.27 23.56 16.12
C GLU C 63 -25.65 23.53 17.51
N LEU C 64 -24.88 22.48 17.82
CA LEU C 64 -24.22 22.43 19.12
C LEU C 64 -23.02 23.35 19.18
N LYS C 65 -22.20 23.37 18.13
CA LYS C 65 -21.06 24.27 18.04
C LYS C 65 -20.95 24.83 16.64
N PRO C 66 -21.29 26.10 16.43
CA PRO C 66 -21.25 26.67 15.07
C PRO C 66 -19.83 26.94 14.59
N GLU C 67 -18.91 27.17 15.53
CA GLU C 67 -17.54 27.50 15.15
C GLU C 67 -16.82 26.33 14.50
N MET C 68 -17.31 25.11 14.67
CA MET C 68 -16.67 23.92 14.09
C MET C 68 -16.86 23.95 12.58
N ASP C 69 -15.81 24.35 11.85
CA ASP C 69 -15.88 24.38 10.40
C ASP C 69 -15.85 22.98 9.77
N SER C 70 -15.21 22.03 10.44
CA SER C 70 -15.17 20.66 9.92
C SER C 70 -16.58 20.07 9.81
N ALA C 71 -17.46 20.41 10.76
CA ALA C 71 -18.86 20.02 10.64
C ALA C 71 -19.49 20.63 9.39
N ARG C 72 -19.25 21.93 9.18
CA ARG C 72 -19.70 22.59 7.96
C ARG C 72 -19.08 21.95 6.73
N ARG C 73 -17.86 21.44 6.87
CA ARG C 73 -17.18 20.80 5.75
C ARG C 73 -17.92 19.57 5.26
N LEU C 74 -18.24 18.64 6.16
CA LEU C 74 -18.96 17.45 5.71
C LEU C 74 -20.44 17.77 5.46
N GLU C 75 -20.96 18.85 6.04
CA GLU C 75 -22.27 19.33 5.63
C GLU C 75 -22.27 19.69 4.15
N GLY C 76 -21.33 20.52 3.72
CA GLY C 76 -21.19 20.83 2.31
C GLY C 76 -20.87 19.60 1.48
N ILE C 77 -20.16 18.63 2.08
CA ILE C 77 -19.84 17.40 1.37
C ILE C 77 -21.11 16.61 1.07
N ILE C 78 -22.00 16.50 2.05
CA ILE C 78 -23.27 15.80 1.86
C ILE C 78 -24.13 16.55 0.85
N GLU C 79 -24.16 17.88 0.96
CA GLU C 79 -24.89 18.68 -0.03
C GLU C 79 -24.35 18.43 -1.43
N LEU C 80 -23.02 18.35 -1.56
CA LEU C 80 -22.40 18.13 -2.86
C LEU C 80 -22.71 16.74 -3.38
N ILE C 81 -22.73 15.75 -2.50
CA ILE C 81 -23.04 14.38 -2.91
C ILE C 81 -24.47 14.30 -3.40
N ARG C 82 -25.40 14.94 -2.68
CA ARG C 82 -26.79 14.96 -3.12
C ARG C 82 -26.94 15.69 -4.45
N ARG C 83 -26.19 16.78 -4.60
CA ARG C 83 -26.23 17.55 -5.82
C ARG C 83 -25.69 16.74 -7.00
N ALA C 84 -24.63 15.97 -6.75
CA ALA C 84 -24.04 15.13 -7.78
C ALA C 84 -24.96 13.98 -8.16
N ARG C 85 -25.64 13.39 -7.18
CA ARG C 85 -26.61 12.35 -7.49
C ARG C 85 -27.78 12.91 -8.29
N GLU C 86 -28.22 14.13 -7.96
CA GLU C 86 -29.30 14.76 -8.73
C GLU C 86 -28.86 15.03 -10.16
N ALA C 87 -27.65 15.56 -10.34
CA ALA C 87 -27.13 15.77 -11.68
C ALA C 87 -26.97 14.45 -12.42
N ALA C 88 -26.60 13.38 -11.71
CA ALA C 88 -26.44 12.09 -12.34
C ALA C 88 -27.76 11.54 -12.84
N GLU C 89 -28.80 11.61 -12.01
CA GLU C 89 -30.11 11.12 -12.45
C GLU C 89 -30.69 12.02 -13.54
N ARG C 90 -30.40 13.32 -13.52
CA ARG C 90 -30.84 14.19 -14.60
C ARG C 90 -30.14 13.84 -15.90
N ALA C 91 -28.84 13.56 -15.85
CA ALA C 91 -28.12 13.14 -17.04
C ALA C 91 -28.65 11.81 -17.56
N GLN C 92 -28.96 10.88 -16.65
CA GLN C 92 -29.53 9.60 -17.05
C GLN C 92 -30.88 9.80 -17.74
N GLU C 93 -31.73 10.67 -17.18
CA GLU C 93 -33.03 10.93 -17.78
C GLU C 93 -32.88 11.57 -19.15
N ALA C 94 -31.95 12.52 -19.29
CA ALA C 94 -31.75 13.16 -20.59
C ALA C 94 -31.21 12.17 -21.61
N ALA C 95 -30.27 11.32 -21.21
CA ALA C 95 -29.73 10.33 -22.13
C ALA C 95 -30.79 9.31 -22.54
N GLU C 96 -31.68 8.95 -21.62
CA GLU C 96 -32.76 8.03 -21.96
C GLU C 96 -33.77 8.70 -22.90
N ARG C 97 -34.07 9.97 -22.67
CA ARG C 97 -34.97 10.70 -23.57
C ARG C 97 -34.37 10.83 -24.96
N THR C 98 -33.06 11.03 -25.06
CA THR C 98 -32.42 11.11 -26.37
C THR C 98 -32.32 9.74 -27.02
N GLY C 99 -32.18 8.68 -26.23
CA GLY C 99 -32.12 7.33 -26.75
C GLY C 99 -30.79 6.91 -27.32
N ASP C 100 -29.82 7.81 -27.40
CA ASP C 100 -28.54 7.48 -28.01
C ASP C 100 -27.71 6.61 -27.08
N PRO C 101 -27.30 5.41 -27.51
CA PRO C 101 -26.45 4.58 -26.64
C PRO C 101 -25.12 5.23 -26.31
N ARG C 102 -24.58 6.06 -27.20
CA ARG C 102 -23.36 6.79 -26.90
C ARG C 102 -23.54 7.69 -25.69
N VAL C 103 -24.53 8.58 -25.73
CA VAL C 103 -24.74 9.49 -24.61
C VAL C 103 -25.17 8.72 -23.37
N ARG C 104 -25.85 7.58 -23.55
CA ARG C 104 -26.25 6.78 -22.40
C ARG C 104 -25.03 6.21 -21.68
N GLU C 105 -24.11 5.59 -22.42
CA GLU C 105 -22.92 5.04 -21.79
C GLU C 105 -22.00 6.14 -21.26
N LEU C 106 -21.99 7.31 -21.90
CA LEU C 106 -21.23 8.42 -21.37
C LEU C 106 -21.81 8.91 -20.04
N ALA C 107 -23.13 9.01 -19.95
CA ALA C 107 -23.75 9.38 -18.68
C ALA C 107 -23.50 8.32 -17.62
N ARG C 108 -23.48 7.04 -18.02
CA ARG C 108 -23.20 5.96 -17.07
C ARG C 108 -21.78 6.07 -16.53
N GLU C 109 -20.80 6.28 -17.41
CA GLU C 109 -19.42 6.46 -16.96
C GLU C 109 -19.27 7.70 -16.10
N LEU C 110 -20.02 8.76 -16.42
CA LEU C 110 -19.99 9.97 -15.61
C LEU C 110 -20.52 9.71 -14.22
N LYS C 111 -21.63 8.96 -14.12
CA LYS C 111 -22.16 8.59 -12.81
C LYS C 111 -21.16 7.75 -12.04
N ARG C 112 -20.50 6.81 -12.71
CA ARG C 112 -19.51 5.97 -12.05
C ARG C 112 -18.36 6.81 -11.51
N LEU C 113 -17.88 7.76 -12.30
CA LEU C 113 -16.78 8.61 -11.86
C LEU C 113 -17.21 9.51 -10.71
N ALA C 114 -18.43 10.04 -10.76
CA ALA C 114 -18.94 10.85 -9.66
C ALA C 114 -19.02 10.03 -8.38
N GLN C 115 -19.49 8.78 -8.47
CA GLN C 115 -19.57 7.93 -7.29
C GLN C 115 -18.18 7.60 -6.77
N GLU C 116 -17.21 7.39 -7.67
CA GLU C 116 -15.85 7.11 -7.23
C GLU C 116 -15.26 8.30 -6.47
N ALA C 117 -15.43 9.51 -7.02
CA ALA C 117 -14.95 10.70 -6.33
C ALA C 117 -15.69 10.92 -5.01
N ALA C 118 -16.97 10.58 -4.96
CA ALA C 118 -17.73 10.69 -3.72
C ALA C 118 -17.19 9.74 -2.67
N GLU C 119 -16.89 8.50 -3.06
CA GLU C 119 -16.29 7.56 -2.12
C GLU C 119 -14.93 8.05 -1.65
N GLU C 120 -14.15 8.65 -2.56
CA GLU C 120 -12.84 9.17 -2.19
C GLU C 120 -12.97 10.28 -1.14
N VAL C 121 -13.87 11.22 -1.38
CA VAL C 121 -14.02 12.33 -0.43
C VAL C 121 -14.63 11.83 0.88
N ARG C 122 -15.44 10.77 0.83
CA ARG C 122 -15.94 10.16 2.06
C ARG C 122 -14.78 9.56 2.86
N ARG C 123 -13.85 8.89 2.18
CA ARG C 123 -12.70 8.33 2.87
C ARG C 123 -11.79 9.41 3.44
N ASP C 124 -11.62 10.53 2.72
CA ASP C 124 -10.79 11.64 3.16
C ASP C 124 -11.62 12.92 3.14
N PRO C 125 -12.40 13.18 4.19
CA PRO C 125 -13.27 14.36 4.18
C PRO C 125 -12.52 15.67 4.38
N ASP C 126 -11.54 15.70 5.29
CA ASP C 126 -10.89 16.95 5.65
C ASP C 126 -9.98 17.50 4.58
N SER C 127 -9.67 16.73 3.53
CA SER C 127 -8.71 17.17 2.52
C SER C 127 -9.39 18.14 1.57
N LYS C 128 -9.07 19.43 1.73
CA LYS C 128 -9.58 20.45 0.82
C LYS C 128 -9.19 20.16 -0.63
N ASP C 129 -8.11 19.41 -0.84
CA ASP C 129 -7.71 19.02 -2.19
C ASP C 129 -8.84 18.29 -2.90
N VAL C 130 -9.22 17.11 -2.39
CA VAL C 130 -10.28 16.34 -3.03
C VAL C 130 -11.62 17.03 -2.86
N ASN C 131 -11.80 17.83 -1.80
CA ASN C 131 -13.02 18.63 -1.67
C ASN C 131 -13.21 19.51 -2.90
N GLU C 132 -12.25 20.39 -3.19
CA GLU C 132 -12.36 21.27 -4.34
C GLU C 132 -12.32 20.50 -5.64
N ALA C 133 -11.62 19.36 -5.68
CA ALA C 133 -11.64 18.53 -6.87
C ALA C 133 -13.06 18.09 -7.21
N LEU C 134 -13.77 17.54 -6.23
CA LEU C 134 -15.15 17.14 -6.45
C LEU C 134 -16.06 18.34 -6.67
N LYS C 135 -15.69 19.51 -6.15
CA LYS C 135 -16.44 20.73 -6.48
C LYS C 135 -16.37 21.04 -7.98
N LEU C 136 -15.15 21.01 -8.53
CA LEU C 136 -15.02 21.19 -9.97
C LEU C 136 -15.74 20.08 -10.73
N ILE C 137 -15.71 18.86 -10.19
CA ILE C 137 -16.38 17.73 -10.84
C ILE C 137 -17.89 17.94 -10.86
N VAL C 138 -18.44 18.49 -9.78
CA VAL C 138 -19.89 18.63 -9.73
C VAL C 138 -20.35 19.80 -10.60
N GLU C 139 -19.58 20.89 -10.67
CA GLU C 139 -19.93 21.90 -11.68
C GLU C 139 -19.72 21.36 -13.09
N ALA C 140 -18.81 20.41 -13.27
CA ALA C 140 -18.64 19.79 -14.57
C ALA C 140 -19.88 18.98 -14.96
N ILE C 141 -20.40 18.17 -14.05
CA ILE C 141 -21.59 17.39 -14.37
C ILE C 141 -22.81 18.30 -14.48
N GLU C 142 -22.82 19.41 -13.76
CA GLU C 142 -23.92 20.37 -13.90
C GLU C 142 -23.89 21.04 -15.27
N ALA C 143 -22.71 21.48 -15.72
CA ALA C 143 -22.59 21.99 -17.09
C ALA C 143 -22.95 20.92 -18.10
N ALA C 144 -22.65 19.66 -17.79
CA ALA C 144 -22.98 18.57 -18.69
C ALA C 144 -24.50 18.39 -18.82
N VAL C 145 -25.22 18.41 -17.70
CA VAL C 145 -26.66 18.25 -17.77
C VAL C 145 -27.31 19.49 -18.38
N ARG C 146 -26.71 20.66 -18.19
CA ARG C 146 -27.19 21.86 -18.88
C ARG C 146 -27.00 21.71 -20.39
N ALA C 147 -25.87 21.17 -20.83
CA ALA C 147 -25.66 20.92 -22.24
C ALA C 147 -26.65 19.89 -22.77
N LEU C 148 -26.96 18.88 -21.96
CA LEU C 148 -27.92 17.86 -22.37
C LEU C 148 -29.32 18.45 -22.53
N GLU C 149 -29.74 19.29 -21.58
CA GLU C 149 -31.07 19.90 -21.70
C GLU C 149 -31.12 20.87 -22.87
N ALA C 150 -30.01 21.58 -23.14
CA ALA C 150 -29.96 22.46 -24.30
C ALA C 150 -30.03 21.66 -25.59
N ALA C 151 -29.32 20.54 -25.66
CA ALA C 151 -29.37 19.70 -26.85
C ALA C 151 -30.77 19.12 -27.06
N GLU C 152 -31.44 18.74 -25.98
CA GLU C 152 -32.80 18.24 -26.09
C GLU C 152 -33.75 19.33 -26.55
N ARG C 153 -33.57 20.56 -26.07
CA ARG C 153 -34.42 21.67 -26.50
C ARG C 153 -34.16 22.03 -27.96
N THR C 154 -32.92 21.83 -28.43
CA THR C 154 -32.61 22.13 -29.83
C THR C 154 -33.15 21.04 -30.76
N GLY C 155 -32.67 19.81 -30.60
CA GLY C 155 -33.12 18.69 -31.40
C GLY C 155 -32.39 18.48 -32.70
N ASP C 156 -31.44 19.35 -33.05
CA ASP C 156 -30.72 19.18 -34.31
C ASP C 156 -29.58 18.18 -34.15
N PRO C 157 -29.32 17.35 -35.16
CA PRO C 157 -28.24 16.37 -35.03
C PRO C 157 -26.86 17.01 -34.93
N GLU C 158 -26.66 18.16 -35.58
CA GLU C 158 -25.37 18.85 -35.49
C GLU C 158 -25.06 19.24 -34.06
N VAL C 159 -25.97 19.99 -33.43
CA VAL C 159 -25.76 20.39 -32.04
C VAL C 159 -25.82 19.19 -31.11
N ARG C 160 -26.51 18.12 -31.49
CA ARG C 160 -26.48 16.89 -30.69
C ARG C 160 -25.06 16.32 -30.66
N GLU C 161 -24.42 16.20 -31.82
CA GLU C 161 -23.05 15.72 -31.86
C GLU C 161 -22.10 16.68 -31.16
N LEU C 162 -22.38 17.99 -31.27
CA LEU C 162 -21.55 18.98 -30.57
C LEU C 162 -21.63 18.78 -29.06
N ALA C 163 -22.84 18.61 -28.52
CA ALA C 163 -23.00 18.34 -27.11
C ALA C 163 -22.36 17.02 -26.71
N ARG C 164 -22.41 16.02 -27.60
CA ARG C 164 -21.73 14.76 -27.34
C ARG C 164 -20.23 14.98 -27.16
N GLU C 165 -19.62 15.75 -28.07
CA GLU C 165 -18.19 16.03 -27.95
C GLU C 165 -17.89 16.81 -26.68
N LEU C 166 -18.73 17.78 -26.33
CA LEU C 166 -18.51 18.56 -25.13
C LEU C 166 -18.56 17.69 -23.88
N VAL C 167 -19.57 16.82 -23.77
CA VAL C 167 -19.67 15.98 -22.59
C VAL C 167 -18.57 14.94 -22.59
N ARG C 168 -18.10 14.51 -23.77
CA ARG C 168 -16.97 13.60 -23.82
C ARG C 168 -15.71 14.24 -23.23
N LEU C 169 -15.37 15.44 -23.70
CA LEU C 169 -14.20 16.12 -23.15
C LEU C 169 -14.40 16.45 -21.68
N ALA C 170 -15.63 16.76 -21.28
CA ALA C 170 -15.92 17.07 -19.88
C ALA C 170 -15.63 15.86 -18.99
N VAL C 171 -16.17 14.69 -19.34
CA VAL C 171 -15.94 13.51 -18.53
C VAL C 171 -14.49 13.07 -18.60
N GLU C 172 -13.81 13.35 -19.71
CA GLU C 172 -12.39 13.01 -19.79
C GLU C 172 -11.57 13.86 -18.83
N ALA C 173 -11.81 15.17 -18.83
CA ALA C 173 -11.12 16.06 -17.89
C ALA C 173 -11.49 15.72 -16.45
N ALA C 174 -12.73 15.32 -16.21
CA ALA C 174 -13.14 14.94 -14.86
C ALA C 174 -12.43 13.68 -14.41
N GLU C 175 -12.29 12.69 -15.30
CA GLU C 175 -11.51 11.51 -14.97
C GLU C 175 -10.05 11.87 -14.70
N GLU C 176 -9.51 12.80 -15.48
CA GLU C 176 -8.13 13.25 -15.26
C GLU C 176 -7.96 13.85 -13.88
N VAL C 177 -8.85 14.76 -13.49
CA VAL C 177 -8.71 15.43 -12.20
C VAL C 177 -9.02 14.47 -11.05
N GLN C 178 -9.86 13.46 -11.30
CA GLN C 178 -10.11 12.45 -10.27
C GLN C 178 -8.89 11.56 -10.09
N ARG C 179 -8.19 11.22 -11.17
CA ARG C 179 -6.99 10.41 -11.05
C ARG C 179 -5.85 11.20 -10.42
N ASN C 180 -5.75 12.49 -10.72
CA ASN C 180 -4.70 13.37 -10.20
C ASN C 180 -5.35 14.52 -9.45
N PRO C 181 -5.71 14.31 -8.18
CA PRO C 181 -6.37 15.39 -7.42
C PRO C 181 -5.43 16.50 -7.00
N SER C 182 -4.22 16.16 -6.56
CA SER C 182 -3.31 17.11 -5.93
C SER C 182 -2.39 17.81 -6.94
N SER C 183 -2.84 17.97 -8.17
CA SER C 183 -2.04 18.60 -9.22
C SER C 183 -2.71 19.90 -9.66
N SER C 184 -2.12 21.03 -9.26
CA SER C 184 -2.69 22.34 -9.57
C SER C 184 -2.78 22.59 -11.06
N ASP C 185 -1.92 21.96 -11.86
CA ASP C 185 -1.99 22.13 -13.30
C ASP C 185 -3.30 21.61 -13.86
N VAL C 186 -3.67 20.37 -13.48
CA VAL C 186 -4.95 19.85 -13.97
C VAL C 186 -6.10 20.54 -13.26
N ASN C 187 -5.86 21.10 -12.06
CA ASN C 187 -6.91 21.89 -11.42
C ASN C 187 -7.26 23.12 -12.25
N GLU C 188 -6.24 23.89 -12.64
CA GLU C 188 -6.46 25.04 -13.52
C GLU C 188 -7.03 24.61 -14.86
N ALA C 189 -6.56 23.47 -15.39
CA ALA C 189 -7.09 22.96 -16.64
C ALA C 189 -8.59 22.69 -16.53
N LEU C 190 -9.02 22.06 -15.44
CA LEU C 190 -10.43 21.76 -15.24
C LEU C 190 -11.25 23.03 -15.07
N LYS C 191 -10.72 23.99 -14.31
CA LYS C 191 -11.43 25.27 -14.16
C LYS C 191 -11.63 25.94 -15.51
N LEU C 192 -10.56 26.01 -16.31
CA LEU C 192 -10.66 26.63 -17.63
C LEU C 192 -11.62 25.86 -18.53
N ILE C 193 -11.61 24.53 -18.42
CA ILE C 193 -12.47 23.71 -19.28
C ILE C 193 -13.94 23.92 -18.92
N VAL C 194 -14.25 23.96 -17.63
CA VAL C 194 -15.66 24.16 -17.25
C VAL C 194 -16.11 25.57 -17.59
N GLU C 195 -15.21 26.56 -17.49
CA GLU C 195 -15.57 27.90 -17.95
C GLU C 195 -15.86 27.90 -19.45
N ALA C 196 -15.05 27.16 -20.22
CA ALA C 196 -15.28 27.06 -21.66
C ALA C 196 -16.61 26.39 -21.96
N ILE C 197 -16.96 25.33 -21.21
CA ILE C 197 -18.24 24.66 -21.44
C ILE C 197 -19.40 25.58 -21.08
N ASP C 198 -19.26 26.36 -20.00
CA ASP C 198 -20.32 27.30 -19.65
C ASP C 198 -20.51 28.34 -20.74
N ALA C 199 -19.41 28.89 -21.26
CA ALA C 199 -19.53 29.84 -22.35
C ALA C 199 -20.14 29.20 -23.59
N ALA C 200 -19.77 27.94 -23.87
CA ALA C 200 -20.29 27.27 -25.05
C ALA C 200 -21.78 27.03 -24.95
N VAL C 201 -22.26 26.58 -23.78
CA VAL C 201 -23.68 26.32 -23.62
C VAL C 201 -24.47 27.63 -23.68
N ARG C 202 -23.93 28.69 -23.07
CA ARG C 202 -24.59 29.99 -23.15
C ARG C 202 -24.68 30.46 -24.60
N ALA C 203 -23.59 30.32 -25.36
CA ALA C 203 -23.58 30.78 -26.74
C ALA C 203 -24.55 29.98 -27.60
N LEU C 204 -24.56 28.65 -27.44
CA LEU C 204 -25.46 27.84 -28.26
C LEU C 204 -26.91 28.07 -27.87
N GLU C 205 -27.18 28.31 -26.58
CA GLU C 205 -28.55 28.65 -26.18
C GLU C 205 -28.99 29.97 -26.80
N ALA C 206 -28.11 30.97 -26.80
CA ALA C 206 -28.45 32.25 -27.43
C ALA C 206 -28.66 32.09 -28.93
N ALA C 207 -27.84 31.25 -29.58
CA ALA C 207 -27.99 31.03 -31.01
C ALA C 207 -29.31 30.32 -31.33
N GLU C 208 -29.69 29.34 -30.51
CA GLU C 208 -30.97 28.67 -30.71
C GLU C 208 -32.13 29.63 -30.44
N LYS C 209 -31.98 30.53 -29.47
CA LYS C 209 -33.02 31.52 -29.21
C LYS C 209 -33.17 32.47 -30.39
N THR C 210 -32.06 32.89 -30.99
CA THR C 210 -32.14 33.75 -32.16
C THR C 210 -32.79 33.01 -33.32
N GLY C 211 -32.21 31.87 -33.72
CA GLY C 211 -32.77 31.05 -34.76
C GLY C 211 -32.50 31.52 -36.17
N ASP C 212 -31.25 31.89 -36.46
CA ASP C 212 -30.89 32.28 -37.82
C ASP C 212 -29.78 31.36 -38.32
N PRO C 213 -29.78 31.02 -39.61
CA PRO C 213 -28.76 30.08 -40.11
C PRO C 213 -27.34 30.61 -39.96
N GLU C 214 -27.13 31.91 -40.17
CA GLU C 214 -25.78 32.47 -40.06
C GLU C 214 -25.27 32.45 -38.63
N VAL C 215 -26.10 32.85 -37.66
CA VAL C 215 -25.68 32.82 -36.26
C VAL C 215 -25.56 31.39 -35.76
N ARG C 216 -26.35 30.47 -36.33
CA ARG C 216 -26.22 29.06 -35.98
C ARG C 216 -24.90 28.48 -36.46
N GLU C 217 -24.52 28.79 -37.71
CA GLU C 217 -23.22 28.36 -38.23
C GLU C 217 -22.08 28.99 -37.45
N LEU C 218 -22.23 30.26 -37.07
CA LEU C 218 -21.22 30.92 -36.24
C LEU C 218 -21.09 30.22 -34.89
N ALA C 219 -22.23 29.83 -34.30
CA ALA C 219 -22.19 29.12 -33.03
C ALA C 219 -21.53 27.77 -33.18
N ARG C 220 -21.84 27.04 -34.25
CA ARG C 220 -21.18 25.77 -34.52
C ARG C 220 -19.68 25.97 -34.68
N GLU C 221 -19.27 27.06 -35.32
CA GLU C 221 -17.85 27.33 -35.48
C GLU C 221 -17.17 27.58 -34.15
N LEU C 222 -17.78 28.40 -33.28
CA LEU C 222 -17.13 28.68 -32.00
C LEU C 222 -17.08 27.42 -31.14
N VAL C 223 -18.14 26.62 -31.15
CA VAL C 223 -18.10 25.42 -30.30
C VAL C 223 -17.13 24.39 -30.88
N ARG C 224 -16.93 24.39 -32.20
CA ARG C 224 -15.97 23.45 -32.78
C ARG C 224 -14.54 23.85 -32.47
N LEU C 225 -14.22 25.14 -32.61
CA LEU C 225 -12.90 25.58 -32.18
C LEU C 225 -12.72 25.41 -30.67
N ALA C 226 -13.82 25.49 -29.92
CA ALA C 226 -13.76 25.31 -28.47
C ALA C 226 -13.43 23.87 -28.11
N VAL C 227 -14.09 22.90 -28.76
CA VAL C 227 -13.78 21.50 -28.46
C VAL C 227 -12.39 21.15 -28.94
N GLU C 228 -11.95 21.74 -30.07
CA GLU C 228 -10.57 21.56 -30.52
C GLU C 228 -9.59 22.01 -29.45
N ALA C 229 -9.71 23.28 -29.02
CA ALA C 229 -8.78 23.81 -28.03
C ALA C 229 -8.91 23.11 -26.69
N ALA C 230 -10.11 22.64 -26.34
CA ALA C 230 -10.30 21.93 -25.08
C ALA C 230 -9.61 20.58 -25.10
N GLU C 231 -9.73 19.84 -26.21
CA GLU C 231 -8.97 18.60 -26.33
C GLU C 231 -7.47 18.88 -26.31
N GLU C 232 -7.05 19.97 -26.93
CA GLU C 232 -5.63 20.31 -26.95
C GLU C 232 -5.11 20.58 -25.55
N VAL C 233 -5.84 21.37 -24.75
CA VAL C 233 -5.39 21.70 -23.41
C VAL C 233 -5.53 20.50 -22.48
N GLN C 234 -6.49 19.62 -22.75
CA GLN C 234 -6.60 18.41 -21.95
C GLN C 234 -5.44 17.45 -22.23
N ARG C 235 -4.96 17.41 -23.47
CA ARG C 235 -3.80 16.59 -23.77
C ARG C 235 -2.51 17.24 -23.31
N ASN C 236 -2.47 18.57 -23.23
CA ASN C 236 -1.29 19.31 -22.76
C ASN C 236 -1.74 20.29 -21.69
N PRO C 237 -1.90 19.82 -20.45
CA PRO C 237 -2.39 20.70 -19.38
C PRO C 237 -1.35 21.69 -18.88
N SER C 238 -0.08 21.31 -18.89
CA SER C 238 0.99 22.14 -18.33
C SER C 238 1.46 23.24 -19.27
N SER C 239 0.68 23.59 -20.28
CA SER C 239 1.08 24.60 -21.26
C SER C 239 0.31 25.90 -20.98
N GLU C 240 1.01 26.87 -20.41
CA GLU C 240 0.42 28.19 -20.21
C GLU C 240 0.04 28.83 -21.54
N GLU C 241 0.70 28.44 -22.63
CA GLU C 241 0.33 28.94 -23.95
C GLU C 241 -1.10 28.52 -24.31
N VAL C 242 -1.39 27.22 -24.21
CA VAL C 242 -2.74 26.76 -24.52
C VAL C 242 -3.73 27.22 -23.47
N ASN C 243 -3.27 27.43 -22.23
CA ASN C 243 -4.14 28.00 -21.22
C ASN C 243 -4.62 29.40 -21.61
N GLU C 244 -3.67 30.27 -21.98
CA GLU C 244 -4.03 31.60 -22.46
C GLU C 244 -4.83 31.53 -23.75
N ALA C 245 -4.60 30.52 -24.58
CA ALA C 245 -5.38 30.36 -25.80
C ALA C 245 -6.85 30.09 -25.48
N LEU C 246 -7.10 29.15 -24.57
CA LEU C 246 -8.48 28.89 -24.13
C LEU C 246 -9.09 30.11 -23.45
N LYS C 247 -8.29 30.85 -22.68
CA LYS C 247 -8.79 32.08 -22.05
C LYS C 247 -9.22 33.09 -23.10
N ASP C 248 -8.39 33.29 -24.13
CA ASP C 248 -8.76 34.18 -25.22
C ASP C 248 -10.00 33.68 -25.95
N ILE C 249 -10.12 32.36 -26.12
CA ILE C 249 -11.27 31.80 -26.83
C ILE C 249 -12.55 32.04 -26.04
N VAL C 250 -12.52 31.79 -24.74
CA VAL C 250 -13.72 32.01 -23.93
C VAL C 250 -14.04 33.50 -23.83
N LYS C 251 -13.01 34.35 -23.82
CA LYS C 251 -13.27 35.79 -23.86
C LYS C 251 -13.95 36.18 -25.16
N ALA C 252 -13.52 35.61 -26.28
CA ALA C 252 -14.15 35.91 -27.56
C ALA C 252 -15.59 35.41 -27.60
N ILE C 253 -15.85 34.23 -27.04
CA ILE C 253 -17.22 33.72 -26.99
C ILE C 253 -18.10 34.63 -26.15
N GLN C 254 -17.57 35.10 -25.01
CA GLN C 254 -18.35 36.01 -24.17
C GLN C 254 -18.62 37.32 -24.90
N GLU C 255 -17.62 37.88 -25.57
CA GLU C 255 -17.82 39.10 -26.33
C GLU C 255 -18.88 38.91 -27.41
N ALA C 256 -18.84 37.78 -28.12
CA ALA C 256 -19.79 37.54 -29.19
C ALA C 256 -21.21 37.38 -28.63
N VAL C 257 -21.36 36.65 -27.52
CA VAL C 257 -22.70 36.39 -27.01
C VAL C 257 -23.28 37.66 -26.39
N GLU C 258 -22.44 38.53 -25.83
CA GLU C 258 -22.96 39.80 -25.33
C GLU C 258 -23.18 40.81 -26.45
N SER C 259 -22.53 40.62 -27.61
CA SER C 259 -22.78 41.49 -28.74
C SER C 259 -24.07 41.13 -29.46
N LEU C 260 -24.32 39.84 -29.66
CA LEU C 260 -25.54 39.41 -30.33
C LEU C 260 -26.75 39.61 -29.42
N ALA D 1 -6.85 13.13 31.74
CA ALA D 1 -5.73 13.85 31.13
C ALA D 1 -5.26 13.15 29.86
N SER D 2 -4.74 11.93 30.03
CA SER D 2 -4.24 11.17 28.88
C SER D 2 -5.36 10.67 27.97
N SER D 3 -6.62 10.73 28.43
CA SER D 3 -7.73 10.29 27.60
C SER D 3 -7.84 11.13 26.33
N TRP D 4 -7.74 12.46 26.48
CA TRP D 4 -7.81 13.31 25.31
C TRP D 4 -6.57 13.19 24.45
N VAL D 5 -5.42 12.83 25.05
CA VAL D 5 -4.24 12.54 24.25
C VAL D 5 -4.49 11.33 23.37
N MET D 6 -5.08 10.28 23.95
CA MET D 6 -5.45 9.11 23.15
C MET D 6 -6.44 9.49 22.06
N LEU D 7 -7.40 10.34 22.39
CA LEU D 7 -8.39 10.77 21.40
C LEU D 7 -7.73 11.51 20.24
N GLY D 8 -6.78 12.39 20.55
CA GLY D 8 -6.07 13.10 19.50
C GLY D 8 -5.23 12.17 18.65
N LEU D 9 -4.56 11.21 19.29
CA LEU D 9 -3.79 10.23 18.53
C LEU D 9 -4.70 9.44 17.59
N LEU D 10 -5.87 9.02 18.09
CA LEU D 10 -6.81 8.28 17.26
C LEU D 10 -7.29 9.11 16.08
N LEU D 11 -7.65 10.37 16.34
CA LEU D 11 -8.07 11.26 15.26
C LEU D 11 -6.96 11.44 14.24
N SER D 12 -5.71 11.54 14.70
CA SER D 12 -4.59 11.66 13.78
C SER D 12 -4.40 10.40 12.96
N LEU D 13 -4.77 9.24 13.51
CA LEU D 13 -4.71 8.01 12.72
C LEU D 13 -5.72 7.99 11.59
N LEU D 14 -6.79 8.75 11.73
CA LEU D 14 -7.87 8.79 10.73
C LEU D 14 -7.72 9.91 9.72
N ASN D 15 -6.56 10.57 9.79
CA ASN D 15 -6.15 11.70 8.94
C ASN D 15 -6.89 12.99 9.27
N ARG D 16 -7.57 12.97 10.42
CA ARG D 16 -8.27 14.16 10.90
C ARG D 16 -7.28 14.93 11.76
N LEU D 17 -6.32 15.57 11.10
CA LEU D 17 -5.28 16.32 11.78
C LEU D 17 -5.82 17.50 12.57
N SER D 18 -6.83 18.17 12.02
CA SER D 18 -7.35 19.36 12.68
C SER D 18 -8.02 19.00 14.01
N LEU D 19 -8.92 18.02 13.98
CA LEU D 19 -9.53 17.56 15.21
C LEU D 19 -8.50 16.97 16.16
N ALA D 20 -7.45 16.34 15.61
CA ALA D 20 -6.38 15.83 16.45
C ALA D 20 -5.69 16.97 17.21
N ALA D 21 -5.37 18.06 16.50
CA ALA D 21 -4.74 19.20 17.15
C ALA D 21 -5.67 19.83 18.17
N GLU D 22 -6.97 19.88 17.87
CA GLU D 22 -7.92 20.42 18.83
C GLU D 22 -7.99 19.57 20.09
N ALA D 23 -8.00 18.24 19.93
CA ALA D 23 -8.01 17.36 21.10
C ALA D 23 -6.71 17.48 21.89
N TYR D 24 -5.60 17.69 21.19
CA TYR D 24 -4.33 17.90 21.90
C TYR D 24 -4.37 19.20 22.70
N LYS D 25 -4.92 20.26 22.12
CA LYS D 25 -5.06 21.51 22.85
C LYS D 25 -5.95 21.34 24.06
N LYS D 26 -7.04 20.58 23.92
CA LYS D 26 -7.92 20.34 25.06
C LYS D 26 -7.23 19.52 26.14
N ALA D 27 -6.42 18.53 25.74
CA ALA D 27 -5.67 17.75 26.71
C ALA D 27 -4.68 18.61 27.47
N ILE D 28 -4.01 19.53 26.76
CA ILE D 28 -3.10 20.46 27.43
C ILE D 28 -3.87 21.38 28.36
N GLU D 29 -5.07 21.78 27.96
CA GLU D 29 -5.92 22.58 28.84
C GLU D 29 -6.26 21.83 30.12
N LEU D 30 -6.50 20.52 30.01
CA LEU D 30 -6.78 19.71 31.20
C LEU D 30 -5.57 19.64 32.12
N ASP D 31 -4.38 19.51 31.55
CA ASP D 31 -3.14 19.43 32.34
C ASP D 31 -2.00 19.92 31.48
N PRO D 32 -1.57 21.17 31.65
CA PRO D 32 -0.46 21.71 30.84
C PRO D 32 0.90 21.13 31.19
N ASN D 33 0.99 20.25 32.18
CA ASN D 33 2.25 19.64 32.58
C ASN D 33 2.56 18.36 31.81
N ASP D 34 1.91 18.15 30.67
CA ASP D 34 2.11 16.97 29.85
C ASP D 34 3.04 17.33 28.69
N ALA D 35 4.30 16.92 28.80
CA ALA D 35 5.25 17.17 27.72
C ALA D 35 4.88 16.39 26.47
N LEU D 36 4.38 15.16 26.64
CA LEU D 36 3.96 14.37 25.49
C LEU D 36 2.83 15.04 24.73
N ALA D 37 1.92 15.69 25.45
CA ALA D 37 0.80 16.37 24.80
C ALA D 37 1.30 17.51 23.91
N TRP D 38 2.15 18.38 24.46
CA TRP D 38 2.72 19.46 23.66
C TRP D 38 3.52 18.90 22.49
N LEU D 39 4.26 17.82 22.73
CA LEU D 39 5.07 17.20 21.68
C LEU D 39 4.20 16.75 20.52
N LEU D 40 3.15 15.99 20.82
CA LEU D 40 2.27 15.51 19.77
C LEU D 40 1.52 16.66 19.09
N LEU D 41 1.14 17.68 19.86
CA LEU D 41 0.45 18.82 19.27
C LEU D 41 1.33 19.54 18.27
N GLY D 42 2.59 19.78 18.62
CA GLY D 42 3.51 20.36 17.67
C GLY D 42 3.72 19.49 16.45
N SER D 43 3.87 18.18 16.68
CA SER D 43 4.08 17.25 15.57
C SER D 43 2.93 17.30 14.58
N VAL D 44 1.69 17.33 15.08
CA VAL D 44 0.54 17.32 14.19
C VAL D 44 0.32 18.69 13.56
N LEU D 45 0.60 19.76 14.31
CA LEU D 45 0.44 21.10 13.76
C LEU D 45 1.44 21.37 12.66
N LEU D 46 2.60 20.71 12.70
CA LEU D 46 3.56 20.83 11.61
C LEU D 46 2.94 20.41 10.28
N LEU D 47 2.06 19.41 10.33
CA LEU D 47 1.41 18.90 9.12
C LEU D 47 0.34 19.82 8.56
N LEU D 48 -0.21 20.68 9.40
CA LEU D 48 -1.26 21.59 8.98
C LEU D 48 -0.74 22.79 8.18
N GLY D 49 0.41 23.31 8.57
CA GLY D 49 1.00 24.45 7.89
C GLY D 49 1.24 25.59 8.87
N ARG D 50 0.81 25.41 10.12
CA ARG D 50 0.98 26.41 11.16
C ARG D 50 2.30 26.19 11.88
N GLU D 51 3.39 26.38 11.15
CA GLU D 51 4.75 26.18 11.67
C GLU D 51 4.98 26.98 12.94
N GLU D 52 4.33 28.13 13.10
CA GLU D 52 4.55 28.95 14.28
C GLU D 52 3.99 28.28 15.53
N GLU D 53 2.76 27.77 15.44
CA GLU D 53 2.18 27.07 16.58
C GLU D 53 2.96 25.80 16.90
N ALA D 54 3.44 25.11 15.87
CA ALA D 54 4.26 23.92 16.11
C ALA D 54 5.56 24.27 16.78
N GLU D 55 6.19 25.39 16.39
CA GLU D 55 7.42 25.82 17.04
C GLU D 55 7.16 26.21 18.49
N GLU D 56 6.04 26.87 18.75
CA GLU D 56 5.70 27.23 20.12
C GLU D 56 5.46 25.99 20.97
N ALA D 57 4.79 24.98 20.40
CA ALA D 57 4.57 23.74 21.13
C ALA D 57 5.88 23.02 21.39
N ALA D 58 6.80 23.05 20.42
CA ALA D 58 8.12 22.45 20.63
C ALA D 58 8.87 23.16 21.73
N ARG D 59 8.82 24.50 21.75
CA ARG D 59 9.47 25.25 22.81
C ARG D 59 8.87 24.92 24.16
N LYS D 60 7.54 24.79 24.23
CA LYS D 60 6.90 24.45 25.49
C LYS D 60 7.31 23.05 25.96
N ALA D 61 7.37 22.09 25.04
CA ALA D 61 7.77 20.75 25.41
C ALA D 61 9.22 20.71 25.89
N ILE D 62 10.10 21.46 25.22
CA ILE D 62 11.50 21.48 25.62
C ILE D 62 11.66 22.14 26.98
N GLU D 63 10.98 23.25 27.21
CA GLU D 63 11.07 23.93 28.50
C GLU D 63 10.46 23.11 29.62
N LEU D 64 9.46 22.29 29.30
CA LEU D 64 8.86 21.45 30.34
C LEU D 64 9.74 20.27 30.67
N LYS D 65 10.30 19.62 29.64
CA LYS D 65 11.23 18.50 29.85
C LYS D 65 12.38 18.61 28.85
N PRO D 66 13.57 18.99 29.31
CA PRO D 66 14.70 19.16 28.37
C PRO D 66 15.27 17.83 27.90
N GLU D 67 15.12 16.79 28.71
CA GLU D 67 15.68 15.49 28.36
C GLU D 67 15.00 14.86 27.15
N MET D 68 13.80 15.31 26.80
CA MET D 68 13.07 14.75 25.66
C MET D 68 13.77 15.17 24.37
N ASP D 69 14.54 14.24 23.79
CA ASP D 69 15.23 14.52 22.53
C ASP D 69 14.28 14.57 21.35
N SER D 70 13.17 13.83 21.40
CA SER D 70 12.20 13.86 20.30
C SER D 70 11.62 15.25 20.11
N ALA D 71 11.43 15.98 21.21
CA ALA D 71 11.03 17.38 21.10
C ALA D 71 12.09 18.19 20.37
N ARG D 72 13.35 18.01 20.76
CA ARG D 72 14.45 18.65 20.05
C ARG D 72 14.50 18.21 18.59
N ARG D 73 14.08 16.97 18.33
CA ARG D 73 14.09 16.46 16.97
C ARG D 73 13.16 17.27 16.06
N LEU D 74 11.89 17.43 16.46
CA LEU D 74 10.99 18.21 15.60
C LEU D 74 11.27 19.70 15.71
N GLU D 75 11.92 20.14 16.79
CA GLU D 75 12.44 21.50 16.83
C GLU D 75 13.43 21.73 15.70
N GLY D 76 14.43 20.87 15.59
CA GLY D 76 15.36 20.94 14.47
C GLY D 76 14.68 20.74 13.14
N ILE D 77 13.62 19.93 13.12
CA ILE D 77 12.87 19.72 11.89
C ILE D 77 12.20 21.00 11.42
N ILE D 78 11.58 21.74 12.35
CA ILE D 78 10.96 23.01 12.00
C ILE D 78 12.01 24.02 11.58
N GLU D 79 13.15 24.05 12.30
CA GLU D 79 14.25 24.92 11.90
C GLU D 79 14.71 24.60 10.48
N LEU D 80 14.79 23.31 10.16
CA LEU D 80 15.25 22.89 8.84
C LEU D 80 14.23 23.24 7.78
N ILE D 81 12.94 23.13 8.10
CA ILE D 81 11.90 23.48 7.13
C ILE D 81 11.94 24.97 6.85
N ARG D 82 12.11 25.78 7.89
CA ARG D 82 12.21 27.23 7.69
C ARG D 82 13.46 27.58 6.90
N ARG D 83 14.55 26.88 7.17
CA ARG D 83 15.80 27.10 6.47
C ARG D 83 15.64 26.74 4.99
N ALA D 84 14.93 25.65 4.72
CA ALA D 84 14.71 25.20 3.36
C ALA D 84 13.79 26.16 2.60
N ARG D 85 12.77 26.69 3.27
CA ARG D 85 11.92 27.68 2.63
C ARG D 85 12.68 28.97 2.35
N GLU D 86 13.58 29.36 3.26
CA GLU D 86 14.41 30.54 3.02
C GLU D 86 15.33 30.33 1.83
N ALA D 87 15.98 29.16 1.76
CA ALA D 87 16.82 28.85 0.62
C ALA D 87 16.00 28.79 -0.67
N ALA D 88 14.77 28.31 -0.58
CA ALA D 88 13.91 28.22 -1.76
C ALA D 88 13.56 29.61 -2.29
N GLU D 89 13.15 30.51 -1.38
CA GLU D 89 12.83 31.86 -1.83
C GLU D 89 14.07 32.60 -2.31
N ARG D 90 15.23 32.33 -1.71
CA ARG D 90 16.46 32.94 -2.19
C ARG D 90 16.81 32.44 -3.59
N ALA D 91 16.64 31.14 -3.84
CA ALA D 91 16.86 30.60 -5.18
C ALA D 91 15.89 31.19 -6.19
N GLN D 92 14.62 31.35 -5.77
CA GLN D 92 13.63 31.97 -6.65
C GLN D 92 14.01 33.40 -6.99
N GLU D 93 14.45 34.16 -5.98
CA GLU D 93 14.87 35.54 -6.22
C GLU D 93 16.07 35.61 -7.15
N ALA D 94 17.04 34.72 -6.96
CA ALA D 94 18.22 34.72 -7.82
C ALA D 94 17.87 34.32 -9.24
N ALA D 95 16.99 33.34 -9.41
CA ALA D 95 16.58 32.92 -10.74
C ALA D 95 15.79 34.02 -11.43
N GLU D 96 14.97 34.77 -10.68
CA GLU D 96 14.23 35.88 -11.28
C GLU D 96 15.17 37.01 -11.66
N ARG D 97 16.17 37.29 -10.82
CA ARG D 97 17.15 38.32 -11.16
C ARG D 97 17.95 37.94 -12.40
N THR D 98 18.28 36.66 -12.55
CA THR D 98 18.99 36.22 -13.75
C THR D 98 18.09 36.21 -14.97
N GLY D 99 16.80 35.94 -14.79
CA GLY D 99 15.84 35.94 -15.87
C GLY D 99 15.84 34.71 -16.74
N ASP D 100 16.75 33.77 -16.51
CA ASP D 100 16.84 32.60 -17.36
C ASP D 100 15.70 31.62 -17.06
N PRO D 101 14.87 31.27 -18.04
CA PRO D 101 13.81 30.29 -17.78
C PRO D 101 14.34 28.93 -17.34
N ARG D 102 15.52 28.55 -17.81
CA ARG D 102 16.13 27.29 -17.37
C ARG D 102 16.35 27.30 -15.86
N VAL D 103 17.08 28.30 -15.37
CA VAL D 103 17.37 28.35 -13.94
C VAL D 103 16.08 28.60 -13.15
N ARG D 104 15.10 29.27 -13.75
CA ARG D 104 13.83 29.49 -13.07
C ARG D 104 13.09 28.17 -12.85
N GLU D 105 12.95 27.36 -13.90
CA GLU D 105 12.27 26.08 -13.76
C GLU D 105 13.07 25.11 -12.89
N LEU D 106 14.41 25.21 -12.93
CA LEU D 106 15.21 24.38 -12.03
C LEU D 106 14.98 24.75 -10.58
N ALA D 107 14.92 26.06 -10.28
CA ALA D 107 14.62 26.48 -8.92
C ALA D 107 13.21 26.07 -8.51
N ARG D 108 12.27 26.09 -9.46
CA ARG D 108 10.90 25.67 -9.16
C ARG D 108 10.87 24.18 -8.81
N GLU D 109 11.53 23.35 -9.61
CA GLU D 109 11.58 21.91 -9.31
C GLU D 109 12.31 21.65 -8.00
N LEU D 110 13.34 22.46 -7.71
CA LEU D 110 14.04 22.32 -6.44
C LEU D 110 13.13 22.64 -5.26
N LYS D 111 12.34 23.71 -5.38
CA LYS D 111 11.37 24.03 -4.33
C LYS D 111 10.34 22.92 -4.18
N ARG D 112 9.87 22.37 -5.29
CA ARG D 112 8.91 21.27 -5.22
C ARG D 112 9.49 20.06 -4.51
N LEU D 113 10.74 19.71 -4.82
CA LEU D 113 11.37 18.57 -4.17
C LEU D 113 11.61 18.83 -2.70
N ALA D 114 12.01 20.05 -2.35
CA ALA D 114 12.18 20.40 -0.94
C ALA D 114 10.86 20.28 -0.18
N GLN D 115 9.76 20.75 -0.79
CA GLN D 115 8.47 20.64 -0.14
C GLN D 115 8.02 19.19 -0.01
N GLU D 116 8.34 18.36 -1.01
CA GLU D 116 8.00 16.94 -0.93
C GLU D 116 8.75 16.26 0.20
N ALA D 117 10.05 16.52 0.31
CA ALA D 117 10.84 15.96 1.40
C ALA D 117 10.37 16.49 2.75
N ALA D 118 9.94 17.76 2.80
CA ALA D 118 9.42 18.32 4.04
C ALA D 118 8.14 17.61 4.45
N GLU D 119 7.24 17.36 3.50
CA GLU D 119 6.02 16.62 3.80
C GLU D 119 6.35 15.21 4.27
N GLU D 120 7.36 14.58 3.66
CA GLU D 120 7.75 13.24 4.06
C GLU D 120 8.25 13.22 5.50
N VAL D 121 9.12 14.16 5.85
CA VAL D 121 9.65 14.17 7.22
C VAL D 121 8.56 14.58 8.21
N ARG D 122 7.58 15.38 7.78
CA ARG D 122 6.44 15.67 8.63
C ARG D 122 5.64 14.41 8.91
N ARG D 123 5.43 13.58 7.89
CA ARG D 123 4.70 12.33 8.08
C ARG D 123 5.48 11.37 8.97
N ASP D 124 6.81 11.32 8.83
CA ASP D 124 7.65 10.44 9.63
C ASP D 124 8.73 11.27 10.31
N PRO D 125 8.41 11.90 11.45
CA PRO D 125 9.40 12.77 12.10
C PRO D 125 10.52 12.01 12.78
N ASP D 126 10.21 10.91 13.47
CA ASP D 126 11.20 10.23 14.29
C ASP D 126 12.26 9.49 13.48
N SER D 127 12.07 9.33 12.18
CA SER D 127 13.00 8.53 11.38
C SER D 127 14.24 9.35 11.07
N LYS D 128 15.34 9.02 11.77
CA LYS D 128 16.62 9.68 11.51
C LYS D 128 17.05 9.52 10.06
N ASP D 129 16.58 8.47 9.39
CA ASP D 129 16.88 8.27 7.98
C ASP D 129 16.46 9.48 7.15
N VAL D 130 15.16 9.78 7.11
CA VAL D 130 14.70 10.91 6.31
C VAL D 130 15.12 12.23 6.96
N ASN D 131 15.32 12.24 8.28
CA ASN D 131 15.88 13.43 8.92
C ASN D 131 17.21 13.82 8.28
N GLU D 132 18.19 12.92 8.31
CA GLU D 132 19.49 13.20 7.73
C GLU D 132 19.41 13.36 6.21
N ALA D 133 18.47 12.66 5.56
CA ALA D 133 18.28 12.84 4.13
C ALA D 133 17.93 14.30 3.82
N LEU D 134 16.93 14.85 4.52
CA LEU D 134 16.58 16.24 4.31
C LEU D 134 17.67 17.18 4.79
N LYS D 135 18.50 16.75 5.74
CA LYS D 135 19.67 17.55 6.11
C LYS D 135 20.63 17.70 4.94
N LEU D 136 20.97 16.59 4.29
CA LEU D 136 21.79 16.67 3.09
C LEU D 136 21.09 17.49 2.00
N ILE D 137 19.77 17.36 1.90
CA ILE D 137 19.02 18.12 0.89
C ILE D 137 19.09 19.61 1.17
N VAL D 138 19.04 20.01 2.44
CA VAL D 138 19.03 21.43 2.73
C VAL D 138 20.43 22.03 2.57
N GLU D 139 21.49 21.29 2.92
CA GLU D 139 22.82 21.78 2.55
C GLU D 139 23.00 21.79 1.04
N ALA D 140 22.31 20.90 0.32
CA ALA D 140 22.37 20.93 -1.13
C ALA D 140 21.74 22.21 -1.69
N ILE D 141 20.55 22.57 -1.20
CA ILE D 141 19.92 23.79 -1.70
C ILE D 141 20.68 25.02 -1.22
N GLU D 142 21.34 24.93 -0.05
CA GLU D 142 22.17 26.05 0.40
C GLU D 142 23.39 26.23 -0.50
N ALA D 143 24.07 25.14 -0.84
CA ALA D 143 25.16 25.22 -1.81
C ALA D 143 24.65 25.73 -3.16
N ALA D 144 23.41 25.37 -3.50
CA ALA D 144 22.84 25.83 -4.77
C ALA D 144 22.62 27.33 -4.76
N VAL D 145 22.07 27.88 -3.67
CA VAL D 145 21.84 29.32 -3.64
C VAL D 145 23.17 30.06 -3.51
N ARG D 146 24.17 29.45 -2.87
CA ARG D 146 25.50 30.04 -2.86
C ARG D 146 26.07 30.09 -4.28
N ALA D 147 25.89 29.01 -5.05
CA ALA D 147 26.33 29.02 -6.44
C ALA D 147 25.58 30.06 -7.25
N LEU D 148 24.28 30.25 -6.97
CA LEU D 148 23.50 31.25 -7.68
C LEU D 148 23.99 32.66 -7.38
N GLU D 149 24.26 32.95 -6.10
CA GLU D 149 24.76 34.28 -5.75
C GLU D 149 26.15 34.51 -6.33
N ALA D 150 26.98 33.46 -6.37
CA ALA D 150 28.29 33.60 -6.98
C ALA D 150 28.18 33.86 -8.48
N ALA D 151 27.27 33.15 -9.15
CA ALA D 151 27.07 33.37 -10.57
C ALA D 151 26.54 34.77 -10.85
N GLU D 152 25.66 35.27 -9.99
CA GLU D 152 25.16 36.63 -10.15
C GLU D 152 26.26 37.66 -9.93
N ARG D 153 27.14 37.42 -8.95
CA ARG D 153 28.25 38.34 -8.72
C ARG D 153 29.27 38.28 -9.86
N THR D 154 29.40 37.14 -10.52
CA THR D 154 30.33 37.05 -11.64
C THR D 154 29.75 37.70 -12.89
N GLY D 155 28.63 37.18 -13.39
CA GLY D 155 27.97 37.75 -14.54
C GLY D 155 28.43 37.22 -15.88
N ASP D 156 29.44 36.33 -15.92
CA ASP D 156 29.92 35.81 -17.18
C ASP D 156 29.05 34.65 -17.65
N PRO D 157 28.78 34.54 -18.95
CA PRO D 157 27.94 33.43 -19.43
C PRO D 157 28.58 32.07 -19.22
N GLU D 158 29.91 31.97 -19.29
CA GLU D 158 30.58 30.69 -19.06
C GLU D 158 30.31 30.18 -17.65
N VAL D 159 30.59 31.00 -16.63
CA VAL D 159 30.34 30.58 -15.27
C VAL D 159 28.84 30.48 -14.99
N ARG D 160 28.01 31.21 -15.73
CA ARG D 160 26.57 31.05 -15.62
C ARG D 160 26.15 29.64 -16.03
N GLU D 161 26.63 29.19 -17.18
CA GLU D 161 26.33 27.82 -17.62
C GLU D 161 26.94 26.79 -16.67
N LEU D 162 28.12 27.09 -16.13
CA LEU D 162 28.74 26.19 -15.16
C LEU D 162 27.86 26.02 -13.93
N ALA D 163 27.38 27.14 -13.38
CA ALA D 163 26.47 27.08 -12.24
C ALA D 163 25.18 26.38 -12.60
N ARG D 164 24.69 26.56 -13.82
CA ARG D 164 23.51 25.84 -14.27
C ARG D 164 23.74 24.33 -14.20
N GLU D 165 24.88 23.87 -14.71
CA GLU D 165 25.20 22.44 -14.66
C GLU D 165 25.33 21.95 -13.22
N LEU D 166 25.96 22.76 -12.36
CA LEU D 166 26.13 22.36 -10.97
C LEU D 166 24.77 22.22 -10.27
N VAL D 167 23.88 23.20 -10.46
CA VAL D 167 22.58 23.10 -9.79
C VAL D 167 21.74 21.99 -10.42
N ARG D 168 21.94 21.70 -11.71
CA ARG D 168 21.24 20.58 -12.33
C ARG D 168 21.64 19.27 -11.67
N LEU D 169 22.94 19.01 -11.56
CA LEU D 169 23.39 17.78 -10.92
C LEU D 169 23.00 17.76 -9.45
N ALA D 170 22.98 18.93 -8.80
CA ALA D 170 22.59 18.99 -7.39
C ALA D 170 21.14 18.57 -7.21
N VAL D 171 20.23 19.14 -8.00
CA VAL D 171 18.83 18.79 -7.85
C VAL D 171 18.58 17.35 -8.31
N GLU D 172 19.39 16.85 -9.25
CA GLU D 172 19.25 15.45 -9.65
C GLU D 172 19.62 14.51 -8.52
N ALA D 173 20.77 14.76 -7.87
CA ALA D 173 21.16 13.95 -6.73
C ALA D 173 20.19 14.10 -5.58
N ALA D 174 19.62 15.28 -5.40
CA ALA D 174 18.64 15.48 -4.34
C ALA D 174 17.36 14.70 -4.62
N GLU D 175 16.91 14.67 -5.88
CA GLU D 175 15.77 13.84 -6.24
C GLU D 175 16.08 12.37 -6.02
N GLU D 176 17.31 11.96 -6.33
CA GLU D 176 17.71 10.57 -6.11
C GLU D 176 17.63 10.19 -4.64
N VAL D 177 18.18 11.04 -3.76
CA VAL D 177 18.20 10.71 -2.34
C VAL D 177 16.79 10.84 -1.75
N GLN D 178 15.95 11.70 -2.32
CA GLN D 178 14.57 11.78 -1.86
C GLN D 178 13.78 10.53 -2.25
N ARG D 179 14.04 10.00 -3.45
CA ARG D 179 13.36 8.79 -3.88
C ARG D 179 13.86 7.57 -3.11
N ASN D 180 15.16 7.54 -2.78
CA ASN D 180 15.78 6.43 -2.06
C ASN D 180 16.39 6.97 -0.78
N PRO D 181 15.60 7.13 0.29
CA PRO D 181 16.16 7.69 1.53
C PRO D 181 17.02 6.70 2.30
N SER D 182 16.62 5.44 2.37
CA SER D 182 17.25 4.45 3.24
C SER D 182 18.38 3.70 2.57
N SER D 183 19.07 4.33 1.62
CA SER D 183 20.17 3.71 0.89
C SER D 183 21.47 4.44 1.19
N SER D 184 22.33 3.81 1.99
CA SER D 184 23.58 4.44 2.40
C SER D 184 24.48 4.76 1.23
N ASP D 185 24.36 4.01 0.12
CA ASP D 185 25.17 4.29 -1.05
C ASP D 185 24.84 5.68 -1.62
N VAL D 186 23.56 5.97 -1.82
CA VAL D 186 23.22 7.30 -2.32
C VAL D 186 23.41 8.34 -1.23
N ASN D 187 23.38 7.93 0.04
CA ASN D 187 23.70 8.87 1.11
C ASN D 187 25.14 9.36 1.00
N GLU D 188 26.09 8.42 0.88
CA GLU D 188 27.48 8.78 0.67
C GLU D 188 27.68 9.54 -0.63
N ALA D 189 26.94 9.15 -1.68
CA ALA D 189 27.03 9.86 -2.95
C ALA D 189 26.63 11.31 -2.79
N LEU D 190 25.52 11.56 -2.07
CA LEU D 190 25.07 12.93 -1.85
C LEU D 190 26.05 13.73 -1.01
N LYS D 191 26.59 13.10 0.03
CA LYS D 191 27.59 13.80 0.85
C LYS D 191 28.79 14.20 0.01
N LEU D 192 29.31 13.26 -0.79
CA LEU D 192 30.45 13.57 -1.66
C LEU D 192 30.10 14.64 -2.68
N ILE D 193 28.88 14.61 -3.21
CA ILE D 193 28.48 15.57 -4.22
C ILE D 193 28.39 16.97 -3.63
N VAL D 194 27.81 17.09 -2.43
CA VAL D 194 27.70 18.43 -1.84
C VAL D 194 29.07 18.93 -1.41
N GLU D 195 29.96 18.05 -0.98
CA GLU D 195 31.34 18.47 -0.73
C GLU D 195 31.99 18.99 -2.00
N ALA D 196 31.76 18.30 -3.12
CA ALA D 196 32.31 18.74 -4.40
C ALA D 196 31.75 20.10 -4.80
N ILE D 197 30.45 20.31 -4.60
CA ILE D 197 29.85 21.60 -4.94
C ILE D 197 30.41 22.70 -4.05
N ASP D 198 30.62 22.42 -2.77
CA ASP D 198 31.21 23.42 -1.89
C ASP D 198 32.61 23.79 -2.34
N ALA D 199 33.43 22.79 -2.67
CA ALA D 199 34.77 23.06 -3.18
C ALA D 199 34.71 23.85 -4.48
N ALA D 200 33.76 23.51 -5.35
CA ALA D 200 33.65 24.19 -6.64
C ALA D 200 33.27 25.65 -6.47
N VAL D 201 32.31 25.94 -5.59
CA VAL D 201 31.90 27.33 -5.40
C VAL D 201 33.02 28.12 -4.73
N ARG D 202 33.73 27.51 -3.78
CA ARG D 202 34.86 28.19 -3.16
C ARG D 202 35.93 28.50 -4.20
N ALA D 203 36.24 27.54 -5.07
CA ALA D 203 37.29 27.74 -6.07
C ALA D 203 36.89 28.82 -7.08
N LEU D 204 35.64 28.78 -7.55
CA LEU D 204 35.24 29.79 -8.53
C LEU D 204 35.14 31.17 -7.89
N GLU D 205 34.75 31.26 -6.62
CA GLU D 205 34.76 32.55 -5.94
C GLU D 205 36.18 33.09 -5.81
N ALA D 206 37.13 32.22 -5.46
CA ALA D 206 38.53 32.67 -5.37
C ALA D 206 39.05 33.10 -6.74
N ALA D 207 38.66 32.38 -7.80
CA ALA D 207 39.11 32.74 -9.13
C ALA D 207 38.53 34.08 -9.57
N GLU D 208 37.26 34.32 -9.26
CA GLU D 208 36.66 35.62 -9.58
C GLU D 208 37.28 36.73 -8.76
N LYS D 209 37.66 36.45 -7.51
CA LYS D 209 38.33 37.45 -6.69
C LYS D 209 39.70 37.78 -7.27
N THR D 210 40.44 36.78 -7.74
CA THR D 210 41.73 37.05 -8.36
C THR D 210 41.55 37.85 -9.64
N GLY D 211 40.77 37.32 -10.59
CA GLY D 211 40.46 38.03 -11.81
C GLY D 211 41.55 37.97 -12.86
N ASP D 212 42.12 36.79 -13.10
CA ASP D 212 43.11 36.63 -14.15
C ASP D 212 42.61 35.61 -15.16
N PRO D 213 42.90 35.80 -16.46
CA PRO D 213 42.39 34.85 -17.45
C PRO D 213 42.89 33.42 -17.26
N GLU D 214 44.15 33.26 -16.87
CA GLU D 214 44.70 31.92 -16.69
C GLU D 214 44.06 31.20 -15.50
N VAL D 215 43.91 31.88 -14.37
CA VAL D 215 43.28 31.25 -13.21
C VAL D 215 41.79 31.05 -13.45
N ARG D 216 41.18 31.90 -14.27
CA ARG D 216 39.77 31.71 -14.63
C ARG D 216 39.59 30.47 -15.49
N GLU D 217 40.47 30.28 -16.49
CA GLU D 217 40.42 29.07 -17.31
C GLU D 217 40.72 27.83 -16.48
N LEU D 218 41.65 27.94 -15.54
CA LEU D 218 41.94 26.83 -14.64
C LEU D 218 40.71 26.48 -13.80
N ALA D 219 40.01 27.52 -13.31
CA ALA D 219 38.80 27.30 -12.53
C ALA D 219 37.72 26.63 -13.38
N ARG D 220 37.55 27.10 -14.62
CA ARG D 220 36.59 26.47 -15.53
C ARG D 220 36.96 25.02 -15.76
N GLU D 221 38.25 24.72 -15.87
CA GLU D 221 38.68 23.34 -16.06
C GLU D 221 38.35 22.47 -14.87
N LEU D 222 38.62 22.96 -13.65
CA LEU D 222 38.33 22.12 -12.48
C LEU D 222 36.84 21.93 -12.31
N VAL D 223 36.03 22.97 -12.56
CA VAL D 223 34.60 22.80 -12.37
C VAL D 223 34.02 21.92 -13.49
N ARG D 224 34.64 21.91 -14.67
CA ARG D 224 34.15 21.05 -15.74
C ARG D 224 34.47 19.59 -15.45
N LEU D 225 35.70 19.30 -15.03
CA LEU D 225 36.00 17.93 -14.61
C LEU D 225 35.18 17.53 -13.39
N ALA D 226 34.82 18.51 -12.55
CA ALA D 226 34.00 18.24 -11.38
C ALA D 226 32.58 17.84 -11.77
N VAL D 227 31.98 18.57 -12.70
CA VAL D 227 30.62 18.22 -13.13
C VAL D 227 30.65 16.91 -13.89
N GLU D 228 31.71 16.65 -14.67
CA GLU D 228 31.86 15.35 -15.32
C GLU D 228 31.85 14.22 -14.30
N ALA D 229 32.77 14.28 -13.32
CA ALA D 229 32.85 13.23 -12.33
C ALA D 229 31.61 13.15 -11.45
N ALA D 230 30.94 14.28 -11.22
CA ALA D 230 29.72 14.27 -10.42
C ALA D 230 28.59 13.57 -11.15
N GLU D 231 28.43 13.85 -12.44
CA GLU D 231 27.46 13.11 -13.23
C GLU D 231 27.80 11.62 -13.27
N GLU D 232 29.10 11.31 -13.36
CA GLU D 232 29.51 9.91 -13.40
C GLU D 232 29.15 9.19 -12.11
N VAL D 233 29.43 9.81 -10.96
CA VAL D 233 29.14 9.16 -9.68
C VAL D 233 27.65 9.16 -9.41
N GLN D 234 26.91 10.13 -9.93
CA GLN D 234 25.46 10.12 -9.78
C GLN D 234 24.83 9.01 -10.60
N ARG D 235 25.40 8.72 -11.77
CA ARG D 235 24.91 7.59 -12.58
C ARG D 235 25.38 6.25 -12.02
N ASN D 236 26.52 6.21 -11.35
CA ASN D 236 27.05 4.99 -10.74
C ASN D 236 27.39 5.29 -9.28
N PRO D 237 26.39 5.25 -8.40
CA PRO D 237 26.65 5.59 -7.00
C PRO D 237 27.38 4.50 -6.23
N SER D 238 27.15 3.23 -6.58
CA SER D 238 27.70 2.11 -5.84
C SER D 238 29.15 1.79 -6.21
N SER D 239 29.86 2.71 -6.84
CA SER D 239 31.24 2.49 -7.28
C SER D 239 32.19 3.21 -6.33
N GLU D 240 32.86 2.44 -5.46
CA GLU D 240 33.89 3.01 -4.60
C GLU D 240 35.03 3.60 -5.43
N GLU D 241 35.23 3.09 -6.65
CA GLU D 241 36.24 3.67 -7.53
C GLU D 241 35.93 5.13 -7.85
N VAL D 242 34.72 5.39 -8.34
CA VAL D 242 34.34 6.76 -8.65
C VAL D 242 34.19 7.59 -7.38
N ASN D 243 33.85 6.95 -6.26
CA ASN D 243 33.81 7.67 -4.98
C ASN D 243 35.20 8.21 -4.63
N GLU D 244 36.22 7.34 -4.67
CA GLU D 244 37.58 7.78 -4.43
C GLU D 244 38.04 8.77 -5.49
N ALA D 245 37.55 8.64 -6.72
CA ALA D 245 37.90 9.59 -7.76
C ALA D 245 37.41 10.99 -7.42
N LEU D 246 36.14 11.11 -7.01
CA LEU D 246 35.60 12.40 -6.58
C LEU D 246 36.32 12.91 -5.34
N LYS D 247 36.69 12.02 -4.43
CA LYS D 247 37.43 12.43 -3.24
C LYS D 247 38.79 13.03 -3.64
N ASP D 248 39.50 12.35 -4.54
CA ASP D 248 40.75 12.89 -5.06
C ASP D 248 40.55 14.23 -5.76
N ILE D 249 39.45 14.36 -6.51
CA ILE D 249 39.19 15.59 -7.24
C ILE D 249 38.93 16.75 -6.28
N VAL D 250 38.13 16.52 -5.25
CA VAL D 250 37.86 17.58 -4.29
C VAL D 250 39.11 17.90 -3.48
N LYS D 251 39.94 16.90 -3.20
CA LYS D 251 41.21 17.16 -2.54
C LYS D 251 42.10 18.04 -3.40
N ALA D 252 42.14 17.77 -4.71
CA ALA D 252 42.95 18.59 -5.61
C ALA D 252 42.41 20.01 -5.69
N ILE D 253 41.08 20.17 -5.72
CA ILE D 253 40.50 21.52 -5.74
C ILE D 253 40.85 22.27 -4.46
N GLN D 254 40.78 21.58 -3.31
CA GLN D 254 41.15 22.23 -2.06
C GLN D 254 42.62 22.64 -2.06
N GLU D 255 43.50 21.74 -2.51
CA GLU D 255 44.92 22.07 -2.59
C GLU D 255 45.16 23.28 -3.48
N ALA D 256 44.49 23.32 -4.64
CA ALA D 256 44.68 24.44 -5.56
C ALA D 256 44.18 25.74 -4.97
N VAL D 257 43.00 25.72 -4.32
CA VAL D 257 42.44 26.97 -3.81
C VAL D 257 43.24 27.46 -2.61
N GLU D 258 43.82 26.56 -1.82
CA GLU D 258 44.68 27.01 -0.72
C GLU D 258 46.07 27.40 -1.22
N SER D 259 46.48 26.93 -2.39
CA SER D 259 47.76 27.36 -2.95
C SER D 259 47.66 28.74 -3.58
N LEU D 260 46.59 29.00 -4.34
CA LEU D 260 46.42 30.30 -4.97
C LEU D 260 46.08 31.37 -3.92
#